data_8HFA
#
_entry.id   8HFA
#
_cell.length_a   138.617
_cell.length_b   125.899
_cell.length_c   127.007
_cell.angle_alpha   90.000
_cell.angle_beta   90.000
_cell.angle_gamma   90.000
#
_symmetry.space_group_name_H-M   'P 21 21 2'
#
loop_
_entity.id
_entity.type
_entity.pdbx_description
1 polymer 'NodB homology domain-containing protein'
2 non-polymer 'ZINC ION'
3 water water
#
_entity_poly.entity_id   1
_entity_poly.type   'polypeptide(L)'
_entity_poly.pdbx_seq_one_letter_code
;MFVNLRNCVLGLLVAGATASPITKDLATIEKRQNLPNGVAIFKCTVPNTIALTFDDGPHIWTENAVNQLEAAGMKGTFFL
NGKNFGELKNYVPLLKRMRANRHQIGSHTWDHPYLTQLSDAAVRKQMTDFENELRRLIGYYPTYMRPPYFDYNAKTLAVM
KELGYRVIHADLDTNDWKFDMPASIAAFKAGVANNRIVLAHDVHETTVKTLLPAMIKEVQRLKLKAVTVGECLGEPYAYW
YRVTPRAHHHHHH
;
_entity_poly.pdbx_strand_id   A,B,C,D,E
#
loop_
_chem_comp.id
_chem_comp.type
_chem_comp.name
_chem_comp.formula
ZN non-polymer 'ZINC ION' 'Zn 2'
#
# COMPACT_ATOMS: atom_id res chain seq x y z
N LEU A 35 -9.39 6.98 -11.84
CA LEU A 35 -10.38 6.61 -12.86
C LEU A 35 -11.75 7.22 -12.61
N PRO A 36 -12.37 7.71 -13.68
CA PRO A 36 -13.72 8.26 -13.56
C PRO A 36 -14.75 7.17 -13.65
N ASN A 37 -15.90 7.41 -13.02
CA ASN A 37 -17.04 6.51 -13.11
C ASN A 37 -18.00 7.00 -14.20
N GLY A 38 -18.74 6.08 -14.78
CA GLY A 38 -19.70 6.43 -15.82
C GLY A 38 -19.08 7.04 -17.06
N VAL A 39 -17.86 6.64 -17.41
CA VAL A 39 -17.19 7.11 -18.63
C VAL A 39 -16.63 5.89 -19.33
N ALA A 40 -17.04 5.68 -20.59
CA ALA A 40 -16.56 4.52 -21.32
C ALA A 40 -15.04 4.54 -21.44
N ILE A 41 -14.40 3.44 -21.03
CA ILE A 41 -12.96 3.28 -21.06
C ILE A 41 -12.62 2.23 -22.12
N PHE A 42 -11.68 2.56 -23.00
CA PHE A 42 -11.39 1.72 -24.16
C PHE A 42 -10.01 1.07 -24.13
N LYS A 43 -8.98 1.74 -23.59
CA LYS A 43 -7.60 1.27 -23.70
C LYS A 43 -6.97 1.09 -22.33
N CYS A 44 -6.12 0.08 -22.22
CA CYS A 44 -5.19 0.00 -21.11
C CYS A 44 -4.24 1.20 -21.14
N THR A 45 -3.74 1.57 -19.97
CA THR A 45 -2.77 2.67 -19.87
C THR A 45 -1.45 2.26 -19.25
N VAL A 46 -1.37 1.13 -18.55
CA VAL A 46 -0.11 0.74 -17.92
C VAL A 46 0.76 0.03 -18.96
N PRO A 47 2.02 0.41 -19.11
CA PRO A 47 2.87 -0.18 -20.16
C PRO A 47 3.06 -1.69 -19.96
N ASN A 48 3.24 -2.39 -21.09
CA ASN A 48 3.57 -3.82 -21.19
C ASN A 48 2.40 -4.70 -20.81
N THR A 49 1.22 -4.12 -20.74
CA THR A 49 0.09 -4.81 -20.14
C THR A 49 -0.95 -5.19 -21.17
N ILE A 50 -1.63 -6.33 -20.93
CA ILE A 50 -2.76 -6.76 -21.75
C ILE A 50 -3.85 -7.31 -20.84
N ALA A 51 -5.11 -7.06 -21.21
CA ALA A 51 -6.24 -7.52 -20.42
C ALA A 51 -7.14 -8.42 -21.28
N LEU A 52 -7.00 -9.73 -21.13
CA LEU A 52 -7.94 -10.66 -21.76
C LEU A 52 -9.25 -10.70 -20.97
N THR A 53 -10.35 -10.26 -21.58
CA THR A 53 -11.62 -10.16 -20.89
C THR A 53 -12.65 -11.09 -21.53
N PHE A 54 -13.61 -11.54 -20.72
CA PHE A 54 -14.54 -12.58 -21.16
C PHE A 54 -15.95 -12.27 -20.70
N ASP A 55 -16.89 -12.21 -21.65
CA ASP A 55 -18.27 -11.82 -21.40
C ASP A 55 -19.20 -13.04 -21.39
N ASP A 56 -20.33 -12.86 -20.68
CA ASP A 56 -21.57 -13.64 -20.75
C ASP A 56 -21.54 -14.90 -19.89
N GLY A 57 -20.47 -15.16 -19.14
CA GLY A 57 -20.43 -16.34 -18.30
C GLY A 57 -21.07 -16.07 -16.95
N PRO A 58 -20.89 -16.99 -15.99
CA PRO A 58 -20.14 -18.24 -16.10
C PRO A 58 -20.92 -19.31 -16.82
N HIS A 59 -20.20 -20.29 -17.35
CA HIS A 59 -20.84 -21.40 -18.04
C HIS A 59 -19.88 -22.58 -17.99
N ILE A 60 -20.18 -23.62 -18.75
CA ILE A 60 -19.54 -24.91 -18.52
C ILE A 60 -18.10 -24.93 -18.98
N TRP A 61 -17.65 -23.91 -19.70
CA TRP A 61 -16.24 -23.87 -20.14
C TRP A 61 -15.38 -22.94 -19.30
N THR A 62 -15.97 -22.19 -18.37
CA THR A 62 -15.19 -21.15 -17.68
C THR A 62 -14.11 -21.75 -16.79
N GLU A 63 -14.42 -22.86 -16.13
CA GLU A 63 -13.42 -23.54 -15.32
C GLU A 63 -12.20 -23.89 -16.15
N ASN A 64 -12.44 -24.40 -17.38
CA ASN A 64 -11.37 -24.69 -18.31
C ASN A 64 -10.53 -23.43 -18.61
N ALA A 65 -11.20 -22.33 -18.93
CA ALA A 65 -10.49 -21.09 -19.24
C ALA A 65 -9.63 -20.63 -18.07
N VAL A 66 -10.18 -20.64 -16.86
CA VAL A 66 -9.42 -20.15 -15.71
C VAL A 66 -8.19 -21.02 -15.47
N ASN A 67 -8.32 -22.34 -15.60
CA ASN A 67 -7.16 -23.21 -15.46
C ASN A 67 -6.07 -22.87 -16.48
N GLN A 68 -6.48 -22.54 -17.71
CA GLN A 68 -5.50 -22.21 -18.74
C GLN A 68 -4.74 -20.94 -18.36
N LEU A 69 -5.46 -19.91 -17.91
CA LEU A 69 -4.80 -18.67 -17.52
C LEU A 69 -3.85 -18.91 -16.35
N GLU A 70 -4.28 -19.67 -15.34
CA GLU A 70 -3.43 -19.85 -14.17
C GLU A 70 -2.21 -20.70 -14.50
N ALA A 71 -2.36 -21.70 -15.38
CA ALA A 71 -1.21 -22.51 -15.78
C ALA A 71 -0.14 -21.67 -16.46
N ALA A 72 -0.50 -20.52 -17.03
CA ALA A 72 0.42 -19.63 -17.71
C ALA A 72 0.75 -18.39 -16.90
N GLY A 73 0.37 -18.37 -15.62
CA GLY A 73 0.69 -17.23 -14.77
C GLY A 73 -0.07 -15.98 -15.10
N MET A 74 -1.25 -16.09 -15.72
CA MET A 74 -1.99 -14.91 -16.17
C MET A 74 -3.31 -14.77 -15.40
N LYS A 75 -3.87 -13.55 -15.45
CA LYS A 75 -5.17 -13.27 -14.88
C LYS A 75 -6.16 -12.91 -15.99
N GLY A 76 -7.44 -13.23 -15.77
CA GLY A 76 -8.48 -12.81 -16.67
C GLY A 76 -9.49 -11.88 -16.00
N THR A 77 -10.25 -11.15 -16.81
CA THR A 77 -11.37 -10.34 -16.31
C THR A 77 -12.65 -10.92 -16.90
N PHE A 78 -13.59 -11.27 -16.04
CA PHE A 78 -14.81 -11.98 -16.43
C PHE A 78 -16.01 -11.11 -16.10
N PHE A 79 -16.71 -10.65 -17.12
CA PHE A 79 -17.93 -9.88 -16.93
C PHE A 79 -19.11 -10.84 -16.99
N LEU A 80 -19.72 -11.10 -15.84
CA LEU A 80 -20.71 -12.16 -15.70
C LEU A 80 -22.14 -11.62 -15.65
N ASN A 81 -23.08 -12.49 -16.01
CA ASN A 81 -24.50 -12.22 -15.79
C ASN A 81 -25.01 -13.05 -14.63
N GLY A 82 -26.14 -12.61 -14.06
CA GLY A 82 -26.79 -13.40 -13.03
C GLY A 82 -27.41 -14.65 -13.59
N LYS A 83 -28.15 -14.52 -14.67
CA LYS A 83 -28.76 -15.65 -15.38
C LYS A 83 -28.64 -15.39 -16.88
N ASN A 84 -27.91 -16.27 -17.58
CA ASN A 84 -27.82 -16.19 -19.04
C ASN A 84 -27.57 -17.57 -19.63
N PHE A 85 -26.31 -17.97 -19.77
CA PHE A 85 -26.00 -19.36 -20.14
C PHE A 85 -26.01 -20.25 -18.91
N GLY A 86 -25.29 -19.83 -17.87
CA GLY A 86 -25.37 -20.48 -16.58
C GLY A 86 -26.01 -19.56 -15.55
N GLU A 87 -26.02 -20.05 -14.31
CA GLU A 87 -26.50 -19.27 -13.17
C GLU A 87 -25.40 -19.19 -12.12
N LEU A 88 -25.22 -17.98 -11.56
CA LEU A 88 -24.17 -17.77 -10.56
C LEU A 88 -24.19 -18.85 -9.48
N LYS A 89 -25.38 -19.18 -8.98
CA LYS A 89 -25.47 -20.11 -7.85
C LYS A 89 -24.96 -21.49 -8.18
N ASN A 90 -24.74 -21.83 -9.45
CA ASN A 90 -24.23 -23.15 -9.78
C ASN A 90 -22.72 -23.19 -9.92
N TYR A 91 -22.03 -22.08 -9.65
CA TYR A 91 -20.59 -22.00 -9.88
C TYR A 91 -19.89 -21.37 -8.69
N VAL A 92 -20.39 -21.63 -7.48
CA VAL A 92 -19.86 -20.95 -6.30
C VAL A 92 -18.38 -21.24 -6.09
N PRO A 93 -17.90 -22.49 -6.09
CA PRO A 93 -16.46 -22.70 -5.92
C PRO A 93 -15.63 -21.95 -6.96
N LEU A 94 -16.06 -22.00 -8.22
CA LEU A 94 -15.34 -21.30 -9.27
C LEU A 94 -15.36 -19.81 -9.02
N LEU A 95 -16.52 -19.26 -8.67
CA LEU A 95 -16.61 -17.84 -8.40
C LEU A 95 -15.73 -17.44 -7.22
N LYS A 96 -15.62 -18.31 -6.22
CA LYS A 96 -14.78 -17.99 -5.09
C LYS A 96 -13.31 -17.94 -5.49
N ARG A 97 -12.84 -18.91 -6.29
CA ARG A 97 -11.45 -18.90 -6.69
C ARG A 97 -11.14 -17.74 -7.63
N MET A 98 -12.07 -17.40 -8.52
CA MET A 98 -11.88 -16.23 -9.37
C MET A 98 -11.58 -15.00 -8.52
N ARG A 99 -12.34 -14.81 -7.44
CA ARG A 99 -12.16 -13.64 -6.59
C ARG A 99 -10.89 -13.77 -5.74
N ALA A 100 -10.66 -14.94 -5.13
CA ALA A 100 -9.53 -15.11 -4.23
C ALA A 100 -8.20 -15.14 -4.98
N ASN A 101 -8.17 -15.72 -6.19
CA ASN A 101 -6.93 -15.79 -6.96
C ASN A 101 -6.65 -14.54 -7.77
N ARG A 102 -7.41 -13.47 -7.53
CA ARG A 102 -7.15 -12.15 -8.09
C ARG A 102 -7.29 -12.11 -9.61
N HIS A 103 -8.19 -12.92 -10.19
CA HIS A 103 -8.80 -12.50 -11.44
C HIS A 103 -9.78 -11.39 -11.11
N GLN A 104 -10.43 -10.81 -12.10
CA GLN A 104 -11.38 -9.74 -11.80
C GLN A 104 -12.76 -10.13 -12.30
N ILE A 105 -13.73 -10.12 -11.40
CA ILE A 105 -15.15 -10.26 -11.75
C ILE A 105 -15.71 -8.87 -11.95
N GLY A 106 -16.30 -8.64 -13.13
CA GLY A 106 -17.04 -7.43 -13.40
C GLY A 106 -18.51 -7.76 -13.64
N SER A 107 -19.33 -6.72 -13.68
CA SER A 107 -20.76 -6.94 -13.90
C SER A 107 -21.12 -6.82 -15.38
N HIS A 108 -21.92 -7.77 -15.87
CA HIS A 108 -22.49 -7.71 -17.21
C HIS A 108 -24.03 -7.66 -17.16
N THR A 109 -24.59 -7.17 -16.05
CA THR A 109 -26.02 -7.05 -15.70
C THR A 109 -26.62 -8.41 -15.33
N TRP A 110 -27.84 -8.38 -14.79
CA TRP A 110 -28.47 -9.58 -14.27
C TRP A 110 -28.76 -10.60 -15.38
N ASP A 111 -29.46 -10.19 -16.46
CA ASP A 111 -29.78 -11.19 -17.48
C ASP A 111 -29.67 -10.67 -18.92
N HIS A 112 -28.77 -9.71 -19.18
CA HIS A 112 -28.28 -9.36 -20.52
C HIS A 112 -29.33 -8.70 -21.41
N PRO A 113 -29.95 -7.60 -21.00
CA PRO A 113 -30.83 -6.87 -21.88
C PRO A 113 -30.08 -5.75 -22.62
N TYR A 114 -30.77 -5.12 -23.55
CA TYR A 114 -30.30 -3.87 -24.14
C TYR A 114 -30.61 -2.74 -23.16
N LEU A 115 -29.59 -2.21 -22.49
CA LEU A 115 -29.88 -1.25 -21.42
C LEU A 115 -30.50 0.04 -21.92
N THR A 116 -30.33 0.40 -23.19
CA THR A 116 -30.97 1.63 -23.64
C THR A 116 -32.48 1.46 -23.82
N GLN A 117 -32.95 0.22 -23.89
CA GLN A 117 -34.35 -0.09 -24.03
C GLN A 117 -35.06 -0.24 -22.68
N LEU A 118 -34.38 0.11 -21.58
CA LEU A 118 -34.93 0.04 -20.24
C LEU A 118 -35.00 1.41 -19.59
N SER A 119 -35.93 1.56 -18.65
CA SER A 119 -35.98 2.77 -17.83
C SER A 119 -34.78 2.84 -16.88
N ASP A 120 -34.49 4.05 -16.41
CA ASP A 120 -33.37 4.24 -15.51
C ASP A 120 -33.50 3.36 -14.26
N ALA A 121 -34.72 3.22 -13.74
CA ALA A 121 -34.92 2.38 -12.56
C ALA A 121 -34.64 0.91 -12.85
N ALA A 122 -35.06 0.41 -14.02
CA ALA A 122 -34.83 -1.00 -14.31
C ALA A 122 -33.37 -1.27 -14.66
N VAL A 123 -32.69 -0.27 -15.22
CA VAL A 123 -31.26 -0.36 -15.44
C VAL A 123 -30.55 -0.55 -14.11
N ARG A 124 -30.87 0.33 -13.15
CA ARG A 124 -30.30 0.23 -11.81
C ARG A 124 -30.57 -1.13 -11.20
N LYS A 125 -31.78 -1.66 -11.41
CA LYS A 125 -32.12 -2.94 -10.84
C LYS A 125 -31.41 -4.07 -11.59
N GLN A 126 -31.09 -3.87 -12.87
CA GLN A 126 -30.27 -4.85 -13.56
C GLN A 126 -28.90 -4.95 -12.93
N MET A 127 -28.42 -3.84 -12.36
CA MET A 127 -27.13 -3.83 -11.69
C MET A 127 -27.25 -4.36 -10.26
N THR A 128 -28.14 -3.78 -9.45
CA THR A 128 -28.17 -4.19 -8.04
C THR A 128 -28.63 -5.63 -7.90
N ASP A 129 -29.44 -6.12 -8.84
CA ASP A 129 -29.82 -7.52 -8.77
C ASP A 129 -28.60 -8.41 -8.93
N PHE A 130 -27.65 -8.00 -9.80
CA PHE A 130 -26.41 -8.77 -9.92
C PHE A 130 -25.58 -8.65 -8.67
N GLU A 131 -25.42 -7.42 -8.16
CA GLU A 131 -24.66 -7.20 -6.93
C GLU A 131 -25.18 -8.10 -5.81
N ASN A 132 -26.50 -8.09 -5.60
CA ASN A 132 -27.08 -8.83 -4.47
C ASN A 132 -26.82 -10.32 -4.58
N GLU A 133 -26.82 -10.87 -5.79
CA GLU A 133 -26.60 -12.30 -5.90
C GLU A 133 -25.11 -12.67 -5.73
N LEU A 134 -24.20 -11.81 -6.18
CA LEU A 134 -22.76 -12.14 -5.97
C LEU A 134 -22.38 -12.03 -4.50
N ARG A 135 -22.85 -10.99 -3.81
CA ARG A 135 -22.51 -10.77 -2.38
C ARG A 135 -23.06 -11.91 -1.52
N ARG A 136 -24.13 -12.56 -1.94
CA ARG A 136 -24.73 -13.66 -1.15
C ARG A 136 -23.91 -14.92 -1.32
N LEU A 137 -23.31 -15.12 -2.48
CA LEU A 137 -22.63 -16.40 -2.77
C LEU A 137 -21.16 -16.36 -2.39
N ILE A 138 -20.48 -15.25 -2.68
CA ILE A 138 -19.04 -15.21 -2.47
C ILE A 138 -18.65 -14.03 -1.58
N GLY A 139 -19.59 -13.12 -1.35
CA GLY A 139 -19.38 -12.08 -0.38
C GLY A 139 -19.04 -10.73 -0.95
N TYR A 140 -18.75 -10.65 -2.24
CA TYR A 140 -18.30 -9.40 -2.85
C TYR A 140 -19.23 -9.00 -3.99
N TYR A 141 -19.23 -7.71 -4.30
CA TYR A 141 -19.85 -7.30 -5.56
C TYR A 141 -18.96 -6.30 -6.28
N PRO A 142 -19.04 -6.27 -7.60
CA PRO A 142 -18.03 -5.54 -8.38
C PRO A 142 -18.35 -4.06 -8.50
N THR A 143 -17.28 -3.33 -8.83
CA THR A 143 -17.35 -1.92 -9.17
C THR A 143 -17.02 -1.67 -10.64
N TYR A 144 -16.80 -2.72 -11.42
CA TYR A 144 -16.57 -2.64 -12.86
C TYR A 144 -17.70 -3.31 -13.62
N MET A 145 -18.11 -2.70 -14.73
CA MET A 145 -19.12 -3.30 -15.57
C MET A 145 -18.83 -3.11 -17.05
N ARG A 146 -19.46 -3.95 -17.84
CA ARG A 146 -19.48 -3.80 -19.29
C ARG A 146 -20.92 -3.90 -19.78
N PRO A 147 -21.42 -2.89 -20.49
CA PRO A 147 -22.81 -2.92 -20.96
C PRO A 147 -22.98 -4.03 -21.99
N PRO A 148 -24.04 -4.83 -21.87
CA PRO A 148 -24.30 -5.84 -22.91
C PRO A 148 -24.42 -5.20 -24.30
N TYR A 149 -23.91 -5.91 -25.30
CA TYR A 149 -23.93 -5.45 -26.69
C TYR A 149 -23.27 -4.10 -26.87
N PHE A 150 -22.53 -3.61 -25.87
CA PHE A 150 -21.97 -2.25 -25.88
C PHE A 150 -23.03 -1.21 -26.17
N ASP A 151 -24.25 -1.47 -25.67
CA ASP A 151 -25.41 -0.61 -25.87
C ASP A 151 -25.61 0.29 -24.65
N TYR A 152 -25.39 1.59 -24.85
CA TYR A 152 -25.52 2.55 -23.77
C TYR A 152 -25.56 3.95 -24.35
N ASN A 153 -26.26 4.85 -23.66
CA ASN A 153 -26.27 6.26 -24.00
C ASN A 153 -26.07 7.10 -22.75
N ALA A 154 -26.28 8.40 -22.86
CA ALA A 154 -26.07 9.30 -21.74
C ALA A 154 -26.93 8.93 -20.52
N LYS A 155 -28.11 8.33 -20.72
CA LYS A 155 -28.96 7.93 -19.58
C LYS A 155 -28.41 6.70 -18.87
N THR A 156 -27.94 5.70 -19.63
CA THR A 156 -27.27 4.55 -19.03
C THR A 156 -26.04 4.97 -18.22
N LEU A 157 -25.22 5.87 -18.77
CA LEU A 157 -23.97 6.24 -18.09
C LEU A 157 -24.20 6.96 -16.74
N ALA A 158 -25.21 7.83 -16.63
CA ALA A 158 -25.50 8.51 -15.36
C ALA A 158 -25.97 7.53 -14.30
N VAL A 159 -26.73 6.49 -14.69
CA VAL A 159 -27.06 5.45 -13.73
C VAL A 159 -25.78 4.78 -13.23
N MET A 160 -24.83 4.51 -14.14
CA MET A 160 -23.55 3.89 -13.76
C MET A 160 -22.73 4.82 -12.89
N LYS A 161 -22.74 6.12 -13.19
CA LYS A 161 -22.01 7.10 -12.38
C LYS A 161 -22.59 7.23 -10.98
N GLU A 162 -23.93 7.26 -10.88
CA GLU A 162 -24.57 7.31 -9.56
C GLU A 162 -24.24 6.06 -8.75
N LEU A 163 -24.13 4.90 -9.42
CA LEU A 163 -23.78 3.65 -8.76
C LEU A 163 -22.28 3.49 -8.52
N GLY A 164 -21.44 4.40 -9.03
CA GLY A 164 -20.01 4.32 -8.80
C GLY A 164 -19.26 3.31 -9.64
N TYR A 165 -19.74 2.98 -10.83
CA TYR A 165 -19.12 1.94 -11.65
C TYR A 165 -18.12 2.52 -12.65
N ARG A 166 -17.00 1.83 -12.80
CA ARG A 166 -16.17 1.98 -14.00
C ARG A 166 -16.81 1.23 -15.17
N VAL A 167 -16.92 1.89 -16.32
CA VAL A 167 -17.56 1.31 -17.50
C VAL A 167 -16.50 0.93 -18.51
N ILE A 168 -16.37 -0.38 -18.77
CA ILE A 168 -15.29 -0.91 -19.59
C ILE A 168 -15.83 -1.31 -20.94
N HIS A 169 -15.35 -0.65 -21.98
CA HIS A 169 -15.62 -1.08 -23.35
C HIS A 169 -14.57 -2.11 -23.75
N ALA A 170 -14.00 -1.95 -24.94
CA ALA A 170 -12.92 -2.80 -25.44
C ALA A 170 -12.34 -2.11 -26.66
N ASP A 171 -11.13 -2.51 -27.02
CA ASP A 171 -10.55 -2.01 -28.26
C ASP A 171 -9.99 -3.11 -29.13
N LEU A 172 -10.07 -4.37 -28.72
CA LEU A 172 -9.73 -5.50 -29.57
C LEU A 172 -10.90 -6.47 -29.54
N ASP A 173 -11.71 -6.46 -30.59
CA ASP A 173 -12.85 -7.36 -30.71
C ASP A 173 -12.41 -8.57 -31.52
N THR A 174 -12.35 -9.74 -30.87
CA THR A 174 -11.94 -10.94 -31.58
C THR A 174 -13.03 -11.53 -32.47
N ASN A 175 -14.26 -10.99 -32.40
CA ASN A 175 -15.41 -11.51 -33.17
C ASN A 175 -15.58 -13.01 -32.98
N ASP A 176 -15.25 -13.51 -31.78
CA ASP A 176 -15.27 -14.95 -31.55
C ASP A 176 -16.68 -15.55 -31.58
N TRP A 177 -17.72 -14.74 -31.50
CA TRP A 177 -19.08 -15.26 -31.58
C TRP A 177 -19.45 -15.72 -32.99
N LYS A 178 -18.67 -15.33 -34.01
CA LYS A 178 -18.93 -15.82 -35.36
C LYS A 178 -18.43 -17.23 -35.57
N PHE A 179 -17.68 -17.80 -34.62
CA PHE A 179 -17.18 -19.17 -34.65
C PHE A 179 -16.19 -19.39 -35.80
N ASP A 180 -15.56 -18.33 -36.27
CA ASP A 180 -14.48 -18.40 -37.25
C ASP A 180 -13.15 -18.30 -36.49
N MET A 181 -12.59 -19.45 -36.12
CA MET A 181 -11.40 -19.39 -35.27
C MET A 181 -10.15 -18.91 -36.00
N PRO A 182 -9.85 -19.33 -37.24
CA PRO A 182 -8.72 -18.69 -37.94
C PRO A 182 -8.89 -17.19 -38.08
N ALA A 183 -10.10 -16.72 -38.36
CA ALA A 183 -10.27 -15.28 -38.46
C ALA A 183 -10.06 -14.61 -37.10
N SER A 184 -10.61 -15.20 -36.02
CA SER A 184 -10.47 -14.62 -34.68
C SER A 184 -9.01 -14.57 -34.24
N ILE A 185 -8.28 -15.68 -34.42
CA ILE A 185 -6.88 -15.71 -34.02
C ILE A 185 -6.08 -14.66 -34.78
N ALA A 186 -6.37 -14.48 -36.07
CA ALA A 186 -5.65 -13.48 -36.85
C ALA A 186 -6.00 -12.06 -36.41
N ALA A 187 -7.27 -11.79 -36.12
CA ALA A 187 -7.65 -10.45 -35.65
C ALA A 187 -6.94 -10.11 -34.35
N PHE A 188 -6.80 -11.11 -33.46
CA PHE A 188 -6.05 -10.90 -32.24
C PHE A 188 -4.61 -10.51 -32.54
N LYS A 189 -3.95 -11.26 -33.44
CA LYS A 189 -2.54 -11.03 -33.73
C LYS A 189 -2.32 -9.68 -34.40
N ALA A 190 -3.25 -9.28 -35.26
CA ALA A 190 -3.07 -8.02 -35.97
C ALA A 190 -3.33 -6.82 -35.08
N GLY A 191 -4.14 -6.99 -34.03
CA GLY A 191 -4.55 -5.86 -33.23
C GLY A 191 -3.89 -5.77 -31.87
N VAL A 192 -3.15 -6.81 -31.47
CA VAL A 192 -2.70 -6.89 -30.09
C VAL A 192 -1.68 -5.81 -29.76
N ALA A 193 -0.90 -5.36 -30.76
CA ALA A 193 0.13 -4.38 -30.48
C ALA A 193 -0.44 -3.09 -29.93
N ASN A 194 -1.57 -2.63 -30.46
CA ASN A 194 -2.12 -1.33 -30.12
C ASN A 194 -3.38 -1.38 -29.29
N ASN A 195 -3.97 -2.55 -29.09
CA ASN A 195 -5.26 -2.67 -28.42
C ASN A 195 -5.16 -3.76 -27.37
N ARG A 196 -5.37 -3.41 -26.11
CA ARG A 196 -5.06 -4.31 -25.02
C ARG A 196 -6.26 -4.75 -24.19
N ILE A 197 -7.46 -4.24 -24.45
CA ILE A 197 -8.64 -4.74 -23.78
C ILE A 197 -9.35 -5.64 -24.78
N VAL A 198 -9.12 -6.94 -24.62
CA VAL A 198 -9.47 -7.95 -25.60
C VAL A 198 -10.80 -8.55 -25.21
N LEU A 199 -11.76 -8.52 -26.13
CA LEU A 199 -13.10 -9.00 -25.86
C LEU A 199 -13.27 -10.41 -26.43
N ALA A 200 -13.66 -11.34 -25.57
CA ALA A 200 -14.04 -12.68 -26.00
C ALA A 200 -15.25 -13.11 -25.20
N HIS A 201 -15.78 -14.30 -25.49
CA HIS A 201 -16.97 -14.80 -24.81
C HIS A 201 -16.69 -16.24 -24.37
N ASP A 202 -16.40 -16.44 -23.08
CA ASP A 202 -15.99 -17.76 -22.61
C ASP A 202 -17.14 -18.75 -22.55
N VAL A 203 -18.36 -18.33 -22.90
CA VAL A 203 -19.47 -19.30 -22.97
C VAL A 203 -19.40 -20.19 -24.20
N HIS A 204 -18.59 -19.84 -25.21
CA HIS A 204 -18.48 -20.64 -26.43
C HIS A 204 -17.31 -21.60 -26.32
N GLU A 205 -17.58 -22.90 -26.54
CA GLU A 205 -16.54 -23.92 -26.45
C GLU A 205 -15.35 -23.61 -27.34
N THR A 206 -15.61 -23.13 -28.56
CA THR A 206 -14.49 -22.86 -29.46
C THR A 206 -13.59 -21.75 -28.94
N THR A 207 -14.17 -20.76 -28.26
CA THR A 207 -13.35 -19.68 -27.71
C THR A 207 -12.37 -20.23 -26.67
N VAL A 208 -12.82 -21.17 -25.84
CA VAL A 208 -11.98 -21.67 -24.76
C VAL A 208 -11.01 -22.74 -25.27
N LYS A 209 -11.43 -23.59 -26.19
CA LYS A 209 -10.53 -24.66 -26.61
C LYS A 209 -9.57 -24.26 -27.72
N THR A 210 -9.92 -23.28 -28.55
CA THR A 210 -9.07 -22.91 -29.67
C THR A 210 -8.55 -21.48 -29.59
N LEU A 211 -9.43 -20.49 -29.44
CA LEU A 211 -8.97 -19.12 -29.46
C LEU A 211 -8.07 -18.82 -28.26
N LEU A 212 -8.52 -19.18 -27.06
CA LEU A 212 -7.76 -18.83 -25.85
C LEU A 212 -6.35 -19.40 -25.85
N PRO A 213 -6.10 -20.66 -26.21
CA PRO A 213 -4.70 -21.12 -26.27
C PRO A 213 -3.86 -20.31 -27.24
N ALA A 214 -4.45 -19.91 -28.37
CA ALA A 214 -3.72 -19.08 -29.33
C ALA A 214 -3.45 -17.71 -28.76
N MET A 215 -4.41 -17.14 -28.03
CA MET A 215 -4.18 -15.84 -27.40
C MET A 215 -3.09 -15.93 -26.33
N ILE A 216 -3.14 -16.95 -25.48
CA ILE A 216 -2.12 -17.07 -24.43
C ILE A 216 -0.74 -17.24 -25.05
N LYS A 217 -0.63 -18.06 -26.09
CA LYS A 217 0.67 -18.31 -26.68
C LYS A 217 1.23 -17.03 -27.32
N GLU A 218 0.37 -16.26 -27.99
CA GLU A 218 0.85 -15.03 -28.60
C GLU A 218 1.26 -14.01 -27.54
N VAL A 219 0.54 -13.97 -26.40
CA VAL A 219 0.93 -13.09 -25.32
C VAL A 219 2.31 -13.47 -24.80
N GLN A 220 2.55 -14.78 -24.63
CA GLN A 220 3.87 -15.21 -24.15
C GLN A 220 4.96 -14.87 -25.13
N ARG A 221 4.68 -14.98 -26.43
CA ARG A 221 5.70 -14.62 -27.42
C ARG A 221 6.03 -13.13 -27.33
N LEU A 222 5.02 -12.29 -27.11
CA LEU A 222 5.26 -10.85 -27.09
C LEU A 222 5.75 -10.36 -25.74
N LYS A 223 5.89 -11.26 -24.75
CA LYS A 223 6.36 -10.93 -23.40
C LYS A 223 5.49 -9.89 -22.69
N LEU A 224 4.18 -9.91 -22.94
CA LEU A 224 3.27 -8.96 -22.30
C LEU A 224 2.78 -9.53 -20.97
N LYS A 225 2.38 -8.64 -20.06
CA LYS A 225 1.84 -9.04 -18.76
C LYS A 225 0.32 -9.13 -18.86
N ALA A 226 -0.22 -10.34 -18.83
CA ALA A 226 -1.67 -10.54 -18.96
C ALA A 226 -2.28 -10.35 -17.58
N VAL A 227 -2.88 -9.19 -17.35
CA VAL A 227 -3.37 -8.80 -16.04
C VAL A 227 -4.88 -8.54 -16.13
N THR A 228 -5.48 -8.14 -15.00
CA THR A 228 -6.90 -7.78 -15.01
C THR A 228 -7.06 -6.41 -15.64
N VAL A 229 -8.31 -6.08 -15.95
CA VAL A 229 -8.60 -4.78 -16.55
C VAL A 229 -8.24 -3.66 -15.57
N GLY A 230 -8.57 -3.84 -14.28
CA GLY A 230 -8.20 -2.83 -13.29
C GLY A 230 -6.69 -2.61 -13.24
N GLU A 231 -5.93 -3.70 -13.10
CA GLU A 231 -4.47 -3.59 -13.08
C GLU A 231 -3.96 -2.91 -14.35
N CYS A 232 -4.50 -3.27 -15.51
CA CYS A 232 -4.06 -2.66 -16.76
C CYS A 232 -4.41 -1.18 -16.84
N LEU A 233 -5.31 -0.71 -15.96
CA LEU A 233 -5.67 0.69 -15.86
C LEU A 233 -5.01 1.39 -14.67
N GLY A 234 -4.18 0.69 -13.90
CA GLY A 234 -3.53 1.31 -12.76
C GLY A 234 -4.34 1.30 -11.48
N GLU A 235 -5.36 0.46 -11.37
CA GLU A 235 -6.22 0.40 -10.19
C GLU A 235 -6.11 -0.99 -9.55
N PRO A 236 -5.59 -1.11 -8.34
CA PRO A 236 -5.31 -2.42 -7.75
C PRO A 236 -6.56 -3.04 -7.12
N TYR A 237 -6.36 -4.26 -6.61
CA TYR A 237 -7.45 -5.13 -6.17
C TYR A 237 -8.41 -4.46 -5.19
N ALA A 238 -7.90 -3.58 -4.32
CA ALA A 238 -8.73 -2.98 -3.31
C ALA A 238 -9.90 -2.16 -3.87
N TYR A 239 -9.88 -1.82 -5.16
CA TYR A 239 -10.93 -0.98 -5.76
C TYR A 239 -11.85 -1.75 -6.69
N TRP A 240 -11.66 -3.06 -6.85
CA TRP A 240 -12.48 -3.81 -7.80
C TRP A 240 -13.81 -4.22 -7.21
N TYR A 241 -13.94 -4.24 -5.89
CA TYR A 241 -15.12 -4.73 -5.24
C TYR A 241 -15.53 -3.81 -4.10
N ARG A 242 -16.78 -3.96 -3.70
CA ARG A 242 -17.35 -3.41 -2.49
C ARG A 242 -17.88 -4.59 -1.70
N VAL A 243 -17.99 -4.41 -0.39
CA VAL A 243 -18.48 -5.46 0.51
C VAL A 243 -19.72 -5.00 1.25
N THR A 244 -19.69 -3.80 1.81
CA THR A 244 -20.82 -3.29 2.57
C THR A 244 -22.00 -3.06 1.63
N PRO A 245 -23.17 -3.61 1.94
CA PRO A 245 -24.34 -3.39 1.07
C PRO A 245 -24.70 -1.91 0.98
N ARG A 246 -25.37 -1.56 -0.12
CA ARG A 246 -25.73 -0.17 -0.41
C ARG A 246 -26.73 0.43 0.59
N LEU B 35 -2.70 -15.78 18.36
CA LEU B 35 -3.74 -16.08 19.34
C LEU B 35 -4.43 -17.41 19.06
N PRO B 36 -4.73 -18.14 20.13
CA PRO B 36 -5.45 -19.41 19.98
C PRO B 36 -6.96 -19.20 19.86
N ASN B 37 -7.60 -20.14 19.17
CA ASN B 37 -9.05 -20.21 19.05
C ASN B 37 -9.61 -21.15 20.10
N GLY B 38 -10.83 -20.87 20.54
CA GLY B 38 -11.47 -21.74 21.51
C GLY B 38 -10.72 -21.83 22.83
N VAL B 39 -10.03 -20.76 23.22
CA VAL B 39 -9.35 -20.67 24.51
C VAL B 39 -9.73 -19.33 25.13
N ALA B 40 -10.30 -19.36 26.33
CA ALA B 40 -10.75 -18.13 26.97
C ALA B 40 -9.58 -17.20 27.23
N ILE B 41 -9.72 -15.96 26.77
CA ILE B 41 -8.70 -14.93 26.93
C ILE B 41 -9.24 -13.90 27.91
N PHE B 42 -8.42 -13.53 28.89
CA PHE B 42 -8.86 -12.68 29.99
C PHE B 42 -8.22 -11.31 30.00
N LYS B 43 -6.98 -11.16 29.53
CA LYS B 43 -6.21 -9.95 29.74
C LYS B 43 -5.63 -9.41 28.44
N CYS B 44 -5.57 -8.09 28.32
CA CYS B 44 -4.75 -7.48 27.27
C CYS B 44 -3.27 -7.82 27.47
N THR B 45 -2.53 -7.85 26.36
CA THR B 45 -1.09 -8.07 26.40
C THR B 45 -0.31 -6.92 25.81
N VAL B 46 -0.93 -6.07 25.01
CA VAL B 46 -0.19 -4.94 24.44
C VAL B 46 -0.13 -3.83 25.49
N PRO B 47 1.05 -3.30 25.81
CA PRO B 47 1.16 -2.28 26.84
C PRO B 47 0.37 -1.02 26.50
N ASN B 48 -0.14 -0.37 27.54
CA ASN B 48 -0.78 0.94 27.50
C ASN B 48 -2.13 0.93 26.80
N THR B 49 -2.72 -0.24 26.61
CA THR B 49 -4.01 -0.32 25.95
C THR B 49 -5.08 -0.73 26.96
N ILE B 50 -6.29 -0.28 26.68
CA ILE B 50 -7.48 -0.70 27.43
C ILE B 50 -8.56 -1.03 26.41
N ALA B 51 -9.35 -2.05 26.70
CA ALA B 51 -10.41 -2.48 25.79
C ALA B 51 -11.75 -2.33 26.51
N LEU B 52 -12.43 -1.20 26.27
CA LEU B 52 -13.78 -1.02 26.78
C LEU B 52 -14.71 -1.88 25.93
N THR B 53 -15.33 -2.88 26.53
CA THR B 53 -16.18 -3.79 25.80
C THR B 53 -17.62 -3.70 26.31
N PHE B 54 -18.58 -3.98 25.44
CA PHE B 54 -19.99 -3.79 25.77
C PHE B 54 -20.81 -4.96 25.24
N ASP B 55 -21.61 -5.57 26.11
CA ASP B 55 -22.39 -6.76 25.78
C ASP B 55 -23.86 -6.44 25.59
N ASP B 56 -24.52 -7.29 24.80
CA ASP B 56 -25.96 -7.52 24.69
C ASP B 56 -26.70 -6.55 23.76
N GLY B 57 -26.00 -5.66 23.06
CA GLY B 57 -26.67 -4.79 22.12
C GLY B 57 -26.85 -5.45 20.75
N PRO B 58 -27.21 -4.65 19.73
CA PRO B 58 -27.46 -3.21 19.84
C PRO B 58 -28.81 -2.87 20.43
N HIS B 59 -28.93 -1.67 21.00
CA HIS B 59 -30.16 -1.16 21.59
C HIS B 59 -30.12 0.36 21.50
N ILE B 60 -31.05 1.05 22.17
CA ILE B 60 -31.30 2.45 21.84
C ILE B 60 -30.24 3.43 22.35
N TRP B 61 -29.31 2.98 23.18
CA TRP B 61 -28.27 3.87 23.69
C TRP B 61 -26.94 3.68 22.97
N THR B 62 -26.87 2.70 22.06
CA THR B 62 -25.60 2.33 21.48
C THR B 62 -25.04 3.44 20.59
N GLU B 63 -25.89 4.09 19.80
CA GLU B 63 -25.42 5.20 18.99
C GLU B 63 -24.79 6.27 19.88
N ASN B 64 -25.42 6.56 21.02
CA ASN B 64 -24.88 7.49 21.98
C ASN B 64 -23.48 7.07 22.42
N ALA B 65 -23.33 5.80 22.82
CA ALA B 65 -22.02 5.32 23.27
C ALA B 65 -20.98 5.47 22.17
N VAL B 66 -21.32 5.11 20.93
CA VAL B 66 -20.35 5.23 19.86
C VAL B 66 -19.97 6.70 19.64
N ASN B 67 -20.94 7.61 19.72
CA ASN B 67 -20.62 9.03 19.57
C ASN B 67 -19.64 9.48 20.63
N GLN B 68 -19.84 9.01 21.88
CA GLN B 68 -18.95 9.40 22.98
C GLN B 68 -17.53 8.90 22.75
N LEU B 69 -17.38 7.63 22.34
CA LEU B 69 -16.05 7.08 22.09
C LEU B 69 -15.34 7.81 20.96
N GLU B 70 -16.04 8.12 19.85
CA GLU B 70 -15.36 8.77 18.75
C GLU B 70 -15.02 10.22 19.10
N ALA B 71 -15.88 10.89 19.86
CA ALA B 71 -15.56 12.26 20.27
C ALA B 71 -14.27 12.33 21.06
N ALA B 72 -13.85 11.23 21.68
CA ALA B 72 -12.60 11.18 22.42
C ALA B 72 -11.51 10.40 21.71
N GLY B 73 -11.71 10.03 20.43
CA GLY B 73 -10.70 9.30 19.70
C GLY B 73 -10.51 7.85 20.14
N MET B 74 -11.55 7.24 20.70
CA MET B 74 -11.50 5.92 21.30
C MET B 74 -12.30 4.91 20.48
N LYS B 75 -11.98 3.63 20.66
CA LYS B 75 -12.71 2.54 20.02
C LYS B 75 -13.40 1.66 21.06
N GLY B 76 -14.52 1.09 20.68
CA GLY B 76 -15.17 0.14 21.55
C GLY B 76 -15.25 -1.24 20.92
N THR B 77 -15.47 -2.25 21.74
CA THR B 77 -15.70 -3.61 21.27
C THR B 77 -17.12 -3.96 21.71
N PHE B 78 -17.96 -4.34 20.76
CA PHE B 78 -19.38 -4.55 21.02
C PHE B 78 -19.70 -6.00 20.70
N PHE B 79 -20.02 -6.78 21.74
CA PHE B 79 -20.40 -8.18 21.55
C PHE B 79 -21.91 -8.22 21.42
N LEU B 80 -22.39 -8.40 20.20
CA LEU B 80 -23.79 -8.20 19.86
C LEU B 80 -24.56 -9.51 19.84
N ASN B 81 -25.89 -9.40 19.99
CA ASN B 81 -26.80 -10.51 19.76
C ASN B 81 -27.57 -10.28 18.47
N GLY B 82 -28.17 -11.35 17.97
CA GLY B 82 -29.08 -11.22 16.84
C GLY B 82 -30.41 -10.60 17.23
N LYS B 83 -31.03 -11.18 18.26
CA LYS B 83 -32.31 -10.72 18.79
C LYS B 83 -32.21 -10.83 20.31
N ASN B 84 -32.23 -9.70 20.99
CA ASN B 84 -32.23 -9.71 22.44
C ASN B 84 -32.92 -8.45 22.96
N PHE B 85 -32.18 -7.36 23.12
CA PHE B 85 -32.83 -6.09 23.40
C PHE B 85 -33.32 -5.43 22.11
N GLY B 86 -32.44 -5.35 21.12
CA GLY B 86 -32.83 -4.92 19.79
C GLY B 86 -32.64 -6.03 18.78
N GLU B 87 -32.84 -5.72 17.51
CA GLU B 87 -32.54 -6.63 16.41
C GLU B 87 -31.59 -5.94 15.47
N LEU B 88 -30.58 -6.68 15.01
CA LEU B 88 -29.57 -6.12 14.10
C LEU B 88 -30.20 -5.36 12.95
N LYS B 89 -31.25 -5.93 12.34
CA LYS B 89 -31.81 -5.33 11.13
C LYS B 89 -32.37 -3.93 11.37
N ASN B 90 -32.57 -3.52 12.63
CA ASN B 90 -33.05 -2.18 12.91
C ASN B 90 -31.93 -1.20 13.19
N TYR B 91 -30.67 -1.62 13.00
CA TYR B 91 -29.56 -0.76 13.36
C TYR B 91 -28.48 -0.75 12.29
N VAL B 92 -28.88 -0.90 11.02
CA VAL B 92 -27.90 -1.10 9.95
C VAL B 92 -26.93 0.06 9.83
N PRO B 93 -27.35 1.32 9.76
CA PRO B 93 -26.34 2.39 9.67
C PRO B 93 -25.36 2.35 10.81
N LEU B 94 -25.84 2.14 12.05
CA LEU B 94 -24.95 2.12 13.19
C LEU B 94 -23.97 0.95 13.10
N LEU B 95 -24.45 -0.24 12.74
CA LEU B 95 -23.56 -1.38 12.59
C LEU B 95 -22.52 -1.12 11.51
N LYS B 96 -22.92 -0.44 10.43
CA LYS B 96 -21.94 -0.11 9.39
C LYS B 96 -20.89 0.85 9.91
N ARG B 97 -21.31 1.83 10.71
CA ARG B 97 -20.35 2.78 11.24
C ARG B 97 -19.39 2.11 12.23
N MET B 98 -19.90 1.20 13.06
CA MET B 98 -19.01 0.42 13.93
C MET B 98 -17.94 -0.32 13.13
N ARG B 99 -18.34 -0.95 12.03
CA ARG B 99 -17.37 -1.74 11.27
C ARG B 99 -16.40 -0.85 10.53
N ALA B 100 -16.92 0.17 9.83
CA ALA B 100 -16.08 0.99 8.97
C ALA B 100 -15.14 1.87 9.78
N ASN B 101 -15.59 2.39 10.92
CA ASN B 101 -14.76 3.27 11.75
C ASN B 101 -13.82 2.51 12.67
N ARG B 102 -13.70 1.19 12.50
CA ARG B 102 -12.70 0.37 13.19
C ARG B 102 -12.95 0.25 14.70
N HIS B 103 -14.22 0.27 15.12
CA HIS B 103 -14.56 -0.44 16.35
C HIS B 103 -14.53 -1.93 16.04
N GLN B 104 -14.85 -2.75 17.02
CA GLN B 104 -14.87 -4.18 16.79
C GLN B 104 -16.27 -4.70 17.13
N ILE B 105 -16.89 -5.36 16.17
CA ILE B 105 -18.10 -6.11 16.40
C ILE B 105 -17.67 -7.54 16.72
N GLY B 106 -18.12 -8.07 17.85
CA GLY B 106 -17.96 -9.47 18.17
C GLY B 106 -19.31 -10.14 18.28
N SER B 107 -19.29 -11.46 18.32
CA SER B 107 -20.52 -12.23 18.42
C SER B 107 -20.85 -12.54 19.89
N HIS B 108 -22.12 -12.35 20.25
CA HIS B 108 -22.61 -12.75 21.57
C HIS B 108 -23.69 -13.82 21.47
N THR B 109 -23.70 -14.55 20.33
CA THR B 109 -24.65 -15.58 19.90
C THR B 109 -25.96 -15.00 19.38
N TRP B 110 -26.78 -15.83 18.74
CA TRP B 110 -27.98 -15.32 18.09
C TRP B 110 -28.95 -14.70 19.08
N ASP B 111 -29.35 -15.45 20.13
CA ASP B 111 -30.34 -14.89 21.05
C ASP B 111 -30.03 -15.17 22.53
N HIS B 112 -28.75 -15.27 22.90
CA HIS B 112 -28.29 -15.16 24.29
C HIS B 112 -28.73 -16.28 25.22
N PRO B 113 -28.49 -17.55 24.89
CA PRO B 113 -28.78 -18.64 25.82
C PRO B 113 -27.57 -18.99 26.68
N TYR B 114 -27.81 -19.87 27.65
CA TYR B 114 -26.72 -20.53 28.36
C TYR B 114 -26.18 -21.60 27.43
N LEU B 115 -25.01 -21.36 26.84
CA LEU B 115 -24.51 -22.25 25.80
C LEU B 115 -24.21 -23.64 26.33
N THR B 116 -24.10 -23.84 27.64
CA THR B 116 -23.76 -25.18 28.17
C THR B 116 -25.01 -26.07 28.19
N GLN B 117 -26.18 -25.50 27.97
CA GLN B 117 -27.44 -26.25 28.05
C GLN B 117 -27.98 -26.54 26.65
N LEU B 118 -27.15 -26.35 25.64
CA LEU B 118 -27.55 -26.58 24.24
C LEU B 118 -26.66 -27.69 23.68
N SER B 119 -27.15 -28.50 22.73
CA SER B 119 -26.31 -29.48 22.08
C SER B 119 -25.24 -28.77 21.26
N ASP B 120 -24.20 -29.52 20.90
CA ASP B 120 -23.14 -28.94 20.08
C ASP B 120 -23.70 -28.44 18.75
N ALA B 121 -24.68 -29.13 18.19
CA ALA B 121 -25.29 -28.66 16.95
C ALA B 121 -26.00 -27.31 17.18
N ALA B 122 -26.70 -27.16 18.31
CA ALA B 122 -27.42 -25.91 18.56
C ALA B 122 -26.45 -24.78 18.95
N VAL B 123 -25.34 -25.11 19.60
CA VAL B 123 -24.32 -24.09 19.85
C VAL B 123 -23.76 -23.54 18.54
N ARG B 124 -23.37 -24.45 17.64
CA ARG B 124 -22.87 -24.04 16.33
C ARG B 124 -23.87 -23.17 15.59
N LYS B 125 -25.15 -23.51 15.65
CA LYS B 125 -26.16 -22.71 14.94
C LYS B 125 -26.41 -21.38 15.64
N GLN B 126 -26.19 -21.32 16.96
CA GLN B 126 -26.28 -20.03 17.64
C GLN B 126 -25.27 -19.03 17.10
N MET B 127 -24.12 -19.52 16.63
CA MET B 127 -23.08 -18.69 16.03
C MET B 127 -23.32 -18.43 14.54
N THR B 128 -23.61 -19.48 13.76
CA THR B 128 -23.78 -19.24 12.32
C THR B 128 -25.02 -18.39 12.05
N ASP B 129 -26.07 -18.49 12.88
CA ASP B 129 -27.23 -17.63 12.69
C ASP B 129 -26.84 -16.18 12.85
N PHE B 130 -25.98 -15.87 13.81
CA PHE B 130 -25.51 -14.50 13.94
C PHE B 130 -24.62 -14.11 12.76
N GLU B 131 -23.69 -14.98 12.38
CA GLU B 131 -22.84 -14.70 11.22
C GLU B 131 -23.67 -14.36 9.98
N ASN B 132 -24.63 -15.23 9.63
CA ASN B 132 -25.41 -15.02 8.42
C ASN B 132 -26.19 -13.72 8.48
N GLU B 133 -26.70 -13.35 9.66
CA GLU B 133 -27.52 -12.15 9.68
C GLU B 133 -26.67 -10.89 9.61
N LEU B 134 -25.53 -10.86 10.32
CA LEU B 134 -24.66 -9.70 10.24
C LEU B 134 -24.07 -9.55 8.85
N ARG B 135 -23.72 -10.66 8.19
CA ARG B 135 -23.13 -10.57 6.86
C ARG B 135 -24.14 -10.07 5.83
N ARG B 136 -25.40 -10.51 5.91
CA ARG B 136 -26.42 -10.04 4.99
C ARG B 136 -26.64 -8.55 5.15
N LEU B 137 -26.43 -8.02 6.36
CA LEU B 137 -26.72 -6.62 6.68
C LEU B 137 -25.56 -5.67 6.45
N ILE B 138 -24.33 -6.05 6.82
CA ILE B 138 -23.23 -5.10 6.67
C ILE B 138 -22.08 -5.70 5.87
N GLY B 139 -22.14 -7.00 5.58
CA GLY B 139 -21.20 -7.61 4.67
C GLY B 139 -20.11 -8.42 5.33
N TYR B 140 -19.94 -8.32 6.66
CA TYR B 140 -18.89 -8.99 7.40
C TYR B 140 -19.50 -9.86 8.49
N TYR B 141 -18.77 -10.88 8.91
CA TYR B 141 -19.14 -11.56 10.14
C TYR B 141 -17.91 -11.72 11.02
N PRO B 142 -18.09 -11.77 12.35
CA PRO B 142 -16.95 -11.65 13.25
C PRO B 142 -16.22 -12.97 13.50
N THR B 143 -14.98 -12.84 13.96
CA THR B 143 -14.17 -13.98 14.39
C THR B 143 -13.88 -13.98 15.90
N TYR B 144 -14.41 -13.01 16.65
CA TYR B 144 -14.31 -12.93 18.09
C TYR B 144 -15.69 -13.13 18.70
N MET B 145 -15.78 -13.86 19.82
CA MET B 145 -17.06 -14.00 20.50
C MET B 145 -16.86 -13.92 22.01
N ARG B 146 -17.95 -13.64 22.71
CA ARG B 146 -18.00 -13.69 24.16
C ARG B 146 -19.21 -14.54 24.54
N PRO B 147 -19.03 -15.60 25.32
CA PRO B 147 -20.16 -16.46 25.65
C PRO B 147 -21.15 -15.73 26.54
N PRO B 148 -22.45 -15.83 26.27
CA PRO B 148 -23.43 -15.22 27.17
C PRO B 148 -23.29 -15.76 28.58
N TYR B 149 -23.42 -14.87 29.56
CA TYR B 149 -23.29 -15.17 30.98
C TYR B 149 -21.94 -15.77 31.34
N PHE B 150 -20.95 -15.71 30.44
CA PHE B 150 -19.66 -16.37 30.67
C PHE B 150 -19.86 -17.86 30.98
N ASP B 151 -20.86 -18.45 30.34
CA ASP B 151 -21.23 -19.84 30.52
C ASP B 151 -20.61 -20.69 29.40
N TYR B 152 -19.66 -21.55 29.75
CA TYR B 152 -19.03 -22.40 28.76
C TYR B 152 -18.28 -23.53 29.46
N ASN B 153 -18.18 -24.67 28.76
CA ASN B 153 -17.39 -25.80 29.21
C ASN B 153 -16.49 -26.29 28.09
N ALA B 154 -15.82 -27.43 28.27
CA ALA B 154 -14.89 -27.92 27.26
C ALA B 154 -15.57 -28.19 25.93
N LYS B 155 -16.83 -28.60 25.96
CA LYS B 155 -17.55 -28.85 24.71
C LYS B 155 -17.86 -27.56 23.97
N THR B 156 -18.29 -26.51 24.69
CA THR B 156 -18.50 -25.21 24.06
C THR B 156 -17.24 -24.73 23.36
N LEU B 157 -16.10 -24.79 24.05
CA LEU B 157 -14.86 -24.27 23.47
C LEU B 157 -14.49 -25.05 22.21
N ALA B 158 -14.77 -26.35 22.18
CA ALA B 158 -14.45 -27.15 21.02
C ALA B 158 -15.25 -26.72 19.80
N VAL B 159 -16.53 -26.37 19.99
CA VAL B 159 -17.29 -25.82 18.88
C VAL B 159 -16.70 -24.50 18.41
N MET B 160 -16.28 -23.65 19.35
CA MET B 160 -15.66 -22.38 18.96
C MET B 160 -14.32 -22.60 18.27
N LYS B 161 -13.56 -23.63 18.67
CA LYS B 161 -12.31 -23.91 17.96
C LYS B 161 -12.60 -24.35 16.53
N GLU B 162 -13.57 -25.26 16.36
CA GLU B 162 -13.93 -25.69 15.02
C GLU B 162 -14.46 -24.52 14.17
N LEU B 163 -15.12 -23.55 14.79
CA LEU B 163 -15.59 -22.39 14.05
C LEU B 163 -14.50 -21.34 13.84
N GLY B 164 -13.34 -21.49 14.49
CA GLY B 164 -12.26 -20.54 14.30
C GLY B 164 -12.39 -19.25 15.08
N TYR B 165 -13.10 -19.29 16.21
CA TYR B 165 -13.40 -18.12 17.02
C TYR B 165 -12.40 -17.95 18.15
N ARG B 166 -11.97 -16.69 18.35
CA ARG B 166 -11.38 -16.27 19.61
C ARG B 166 -12.49 -16.08 20.64
N VAL B 167 -12.25 -16.59 21.86
CA VAL B 167 -13.21 -16.52 22.96
C VAL B 167 -12.71 -15.49 23.96
N ILE B 168 -13.49 -14.42 24.15
CA ILE B 168 -13.09 -13.28 24.98
C ILE B 168 -13.86 -13.29 26.29
N HIS B 169 -13.14 -13.44 27.40
CA HIS B 169 -13.71 -13.30 28.72
C HIS B 169 -13.60 -11.84 29.14
N ALA B 170 -13.20 -11.57 30.38
CA ALA B 170 -12.96 -10.21 30.86
C ALA B 170 -12.22 -10.29 32.18
N ASP B 171 -11.60 -9.20 32.57
CA ASP B 171 -10.96 -9.18 33.87
C ASP B 171 -11.30 -7.98 34.73
N LEU B 172 -12.13 -7.05 34.25
CA LEU B 172 -12.64 -5.95 35.06
C LEU B 172 -14.16 -5.93 34.92
N ASP B 173 -14.86 -6.41 35.94
CA ASP B 173 -16.31 -6.41 35.95
C ASP B 173 -16.81 -5.14 36.65
N THR B 174 -17.42 -4.23 35.88
CA THR B 174 -17.94 -2.99 36.47
C THR B 174 -19.26 -3.19 37.21
N ASN B 175 -19.88 -4.37 37.10
CA ASN B 175 -21.18 -4.60 37.75
C ASN B 175 -22.19 -3.52 37.40
N ASP B 176 -22.16 -3.05 36.16
CA ASP B 176 -23.00 -1.93 35.79
C ASP B 176 -24.48 -2.29 35.86
N TRP B 177 -24.82 -3.58 35.82
CA TRP B 177 -26.23 -3.98 35.91
C TRP B 177 -26.83 -3.79 37.31
N LYS B 178 -26.01 -3.57 38.36
CA LYS B 178 -26.54 -3.32 39.70
C LYS B 178 -27.02 -1.89 39.88
N PHE B 179 -26.73 -1.01 38.92
CA PHE B 179 -27.21 0.38 38.92
C PHE B 179 -26.72 1.21 40.11
N ASP B 180 -25.60 0.81 40.73
CA ASP B 180 -24.90 1.63 41.70
C ASP B 180 -23.77 2.25 40.88
N MET B 181 -24.04 3.42 40.32
CA MET B 181 -23.11 4.06 39.41
C MET B 181 -21.86 4.56 40.14
N PRO B 182 -21.98 5.16 41.35
CA PRO B 182 -20.75 5.49 42.10
C PRO B 182 -19.88 4.28 42.37
N ALA B 183 -20.48 3.15 42.72
CA ALA B 183 -19.67 1.95 42.95
C ALA B 183 -19.01 1.48 41.65
N SER B 184 -19.76 1.49 40.54
CA SER B 184 -19.21 1.04 39.26
C SER B 184 -18.04 1.92 38.82
N ILE B 185 -18.20 3.24 38.93
CA ILE B 185 -17.11 4.15 38.58
C ILE B 185 -15.92 3.92 39.52
N ALA B 186 -16.19 3.72 40.80
CA ALA B 186 -15.11 3.49 41.75
C ALA B 186 -14.45 2.14 41.48
N ALA B 187 -15.23 1.11 41.16
CA ALA B 187 -14.65 -0.20 40.87
C ALA B 187 -13.76 -0.12 39.64
N PHE B 188 -14.17 0.65 38.63
CA PHE B 188 -13.35 0.85 37.45
C PHE B 188 -12.00 1.49 37.83
N LYS B 189 -12.03 2.59 38.60
CA LYS B 189 -10.77 3.27 38.96
C LYS B 189 -9.88 2.38 39.82
N ALA B 190 -10.45 1.54 40.68
CA ALA B 190 -9.64 0.72 41.57
C ALA B 190 -9.01 -0.47 40.87
N GLY B 191 -9.59 -0.96 39.77
CA GLY B 191 -9.10 -2.16 39.11
C GLY B 191 -8.45 -1.97 37.74
N VAL B 192 -8.55 -0.76 37.17
CA VAL B 192 -8.19 -0.56 35.76
C VAL B 192 -6.69 -0.70 35.53
N ALA B 193 -5.86 -0.37 36.53
CA ALA B 193 -4.42 -0.41 36.34
C ALA B 193 -3.94 -1.80 35.94
N ASN B 194 -4.61 -2.84 36.44
CA ASN B 194 -4.23 -4.23 36.26
C ASN B 194 -5.16 -4.99 35.33
N ASN B 195 -6.32 -4.42 35.01
CA ASN B 195 -7.36 -5.14 34.28
C ASN B 195 -7.86 -4.26 33.16
N ARG B 196 -7.68 -4.73 31.94
CA ARG B 196 -7.87 -3.88 30.77
C ARG B 196 -8.96 -4.36 29.83
N ILE B 197 -9.55 -5.53 30.06
CA ILE B 197 -10.72 -5.97 29.30
C ILE B 197 -11.93 -5.71 30.18
N VAL B 198 -12.56 -4.56 29.97
CA VAL B 198 -13.56 -4.01 30.87
C VAL B 198 -14.94 -4.44 30.39
N LEU B 199 -15.73 -5.02 31.29
CA LEU B 199 -17.06 -5.54 31.00
C LEU B 199 -18.12 -4.52 31.40
N ALA B 200 -18.93 -4.11 30.43
CA ALA B 200 -20.13 -3.32 30.69
C ALA B 200 -21.22 -3.77 29.70
N HIS B 201 -22.42 -3.21 29.88
CA HIS B 201 -23.57 -3.58 29.06
C HIS B 201 -24.20 -2.29 28.53
N ASP B 202 -24.00 -1.98 27.24
CA ASP B 202 -24.46 -0.70 26.73
C ASP B 202 -25.97 -0.67 26.53
N VAL B 203 -26.65 -1.77 26.85
CA VAL B 203 -28.11 -1.76 26.81
C VAL B 203 -28.71 -1.00 27.98
N HIS B 204 -27.92 -0.64 28.99
CA HIS B 204 -28.42 0.09 30.14
C HIS B 204 -28.20 1.57 29.92
N GLU B 205 -29.27 2.35 30.02
CA GLU B 205 -29.14 3.79 29.81
C GLU B 205 -28.09 4.40 30.75
N THR B 206 -28.06 3.95 32.01
CA THR B 206 -27.09 4.49 32.96
C THR B 206 -25.65 4.14 32.59
N THR B 207 -25.45 2.97 31.97
CA THR B 207 -24.10 2.60 31.56
C THR B 207 -23.56 3.55 30.51
N VAL B 208 -24.41 3.97 29.58
CA VAL B 208 -23.92 4.82 28.50
C VAL B 208 -23.84 6.26 28.97
N LYS B 209 -24.80 6.71 29.76
CA LYS B 209 -24.86 8.11 30.12
C LYS B 209 -24.07 8.47 31.36
N THR B 210 -23.86 7.53 32.29
CA THR B 210 -23.14 7.85 33.50
C THR B 210 -21.81 7.11 33.60
N LEU B 211 -21.79 5.78 33.43
CA LEU B 211 -20.54 5.06 33.56
C LEU B 211 -19.58 5.38 32.41
N LEU B 212 -20.07 5.34 31.17
CA LEU B 212 -19.16 5.54 30.04
C LEU B 212 -18.44 6.88 30.06
N PRO B 213 -19.08 8.03 30.35
CA PRO B 213 -18.27 9.27 30.47
C PRO B 213 -17.23 9.19 31.56
N ALA B 214 -17.50 8.50 32.66
CA ALA B 214 -16.49 8.38 33.71
C ALA B 214 -15.32 7.49 33.27
N MET B 215 -15.62 6.39 32.57
CA MET B 215 -14.54 5.53 32.09
C MET B 215 -13.65 6.27 31.08
N ILE B 216 -14.27 6.96 30.12
CA ILE B 216 -13.51 7.72 29.13
C ILE B 216 -12.63 8.74 29.82
N LYS B 217 -13.19 9.39 30.84
CA LYS B 217 -12.50 10.48 31.50
C LYS B 217 -11.28 9.98 32.27
N GLU B 218 -11.41 8.84 32.95
CA GLU B 218 -10.27 8.29 33.68
C GLU B 218 -9.23 7.72 32.72
N VAL B 219 -9.67 7.15 31.59
CA VAL B 219 -8.71 6.66 30.58
C VAL B 219 -7.85 7.81 30.07
N GLN B 220 -8.46 8.97 29.83
CA GLN B 220 -7.67 10.13 29.43
C GLN B 220 -6.73 10.56 30.54
N ARG B 221 -7.17 10.51 31.80
CA ARG B 221 -6.31 10.94 32.89
C ARG B 221 -5.07 10.04 33.03
N LEU B 222 -5.23 8.74 32.79
CA LEU B 222 -4.13 7.78 32.88
C LEU B 222 -3.28 7.68 31.62
N LYS B 223 -3.59 8.44 30.57
CA LYS B 223 -2.84 8.38 29.29
C LYS B 223 -2.88 6.98 28.68
N LEU B 224 -3.97 6.25 28.87
CA LEU B 224 -4.10 4.89 28.33
C LEU B 224 -4.70 4.99 26.94
N LYS B 225 -4.49 3.95 26.12
CA LYS B 225 -5.01 3.97 24.72
C LYS B 225 -6.25 3.07 24.61
N ALA B 226 -7.43 3.66 24.44
CA ALA B 226 -8.66 2.88 24.37
C ALA B 226 -8.89 2.31 22.96
N VAL B 227 -8.57 1.03 22.80
CA VAL B 227 -8.57 0.37 21.50
C VAL B 227 -9.52 -0.81 21.53
N THR B 228 -9.59 -1.56 20.43
CA THR B 228 -10.43 -2.76 20.38
C THR B 228 -9.77 -3.92 21.13
N VAL B 229 -10.56 -4.96 21.39
CA VAL B 229 -10.01 -6.12 22.07
C VAL B 229 -8.90 -6.75 21.24
N GLY B 230 -9.13 -6.90 19.93
CA GLY B 230 -8.11 -7.47 19.07
C GLY B 230 -6.82 -6.68 19.12
N GLU B 231 -6.90 -5.35 18.99
CA GLU B 231 -5.69 -4.54 19.07
C GLU B 231 -4.97 -4.74 20.40
N CYS B 232 -5.73 -4.75 21.50
CA CYS B 232 -5.12 -4.90 22.81
C CYS B 232 -4.53 -6.29 22.99
N LEU B 233 -4.88 -7.23 22.12
CA LEU B 233 -4.27 -8.55 22.10
C LEU B 233 -3.20 -8.69 21.04
N GLY B 234 -2.94 -7.64 20.27
CA GLY B 234 -1.93 -7.69 19.24
C GLY B 234 -2.38 -8.20 17.90
N GLU B 235 -3.68 -8.24 17.63
CA GLU B 235 -4.25 -8.75 16.39
C GLU B 235 -4.94 -7.61 15.65
N PRO B 236 -4.48 -7.21 14.48
CA PRO B 236 -5.01 -6.01 13.82
C PRO B 236 -6.33 -6.28 13.11
N TYR B 237 -6.89 -5.21 12.54
CA TYR B 237 -8.26 -5.24 12.00
C TYR B 237 -8.48 -6.38 11.02
N ALA B 238 -7.48 -6.69 10.20
CA ALA B 238 -7.62 -7.69 9.15
C ALA B 238 -8.00 -9.06 9.66
N TYR B 239 -7.95 -9.31 10.96
CA TYR B 239 -8.27 -10.63 11.49
C TYR B 239 -9.58 -10.67 12.26
N TRP B 240 -10.30 -9.56 12.38
CA TRP B 240 -11.50 -9.52 13.20
C TRP B 240 -12.74 -10.06 12.50
N TYR B 241 -12.74 -10.10 11.17
CA TYR B 241 -13.92 -10.43 10.40
C TYR B 241 -13.60 -11.39 9.25
N ARG B 242 -14.65 -12.03 8.75
CA ARG B 242 -14.62 -12.79 7.52
C ARG B 242 -15.68 -12.25 6.58
N VAL B 243 -15.47 -12.42 5.28
CA VAL B 243 -16.37 -11.91 4.26
C VAL B 243 -16.96 -13.03 3.40
N THR B 244 -16.11 -13.91 2.93
CA THR B 244 -16.57 -15.03 2.11
C THR B 244 -17.37 -16.00 2.96
N PRO B 245 -18.58 -16.40 2.52
CA PRO B 245 -19.37 -17.35 3.30
C PRO B 245 -18.62 -18.65 3.53
N ARG B 246 -19.04 -19.39 4.55
CA ARG B 246 -18.35 -20.63 4.88
C ARG B 246 -18.48 -21.68 3.77
N LEU C 35 38.30 -4.39 -40.12
CA LEU C 35 37.40 -5.27 -39.35
C LEU C 35 37.18 -6.66 -39.99
N PRO C 36 37.23 -7.71 -39.18
CA PRO C 36 37.03 -9.07 -39.71
C PRO C 36 35.55 -9.41 -39.82
N ASN C 37 35.23 -10.26 -40.80
CA ASN C 37 33.90 -10.80 -40.97
C ASN C 37 33.83 -12.16 -40.30
N GLY C 38 32.64 -12.53 -39.86
CA GLY C 38 32.44 -13.83 -39.23
C GLY C 38 33.21 -14.02 -37.94
N VAL C 39 33.48 -12.94 -37.21
CA VAL C 39 34.14 -12.99 -35.92
C VAL C 39 33.35 -12.11 -34.96
N ALA C 40 32.85 -12.70 -33.87
CA ALA C 40 32.06 -11.94 -32.92
C ALA C 40 32.87 -10.78 -32.34
N ILE C 41 32.30 -9.58 -32.41
CA ILE C 41 32.91 -8.35 -31.94
C ILE C 41 32.14 -7.89 -30.70
N PHE C 42 32.86 -7.56 -29.62
CA PHE C 42 32.22 -7.31 -28.34
C PHE C 42 32.31 -5.88 -27.85
N LYS C 43 33.38 -5.15 -28.16
CA LYS C 43 33.63 -3.86 -27.55
C LYS C 43 33.96 -2.83 -28.62
N CYS C 44 33.53 -1.59 -28.37
CA CYS C 44 34.00 -0.46 -29.17
C CYS C 44 35.51 -0.29 -28.99
N THR C 45 36.16 0.31 -30.02
CA THR C 45 37.57 0.63 -29.95
C THR C 45 37.88 2.11 -30.06
N VAL C 46 36.95 2.92 -30.55
CA VAL C 46 37.19 4.35 -30.65
C VAL C 46 36.91 4.98 -29.28
N PRO C 47 37.85 5.73 -28.71
CA PRO C 47 37.64 6.29 -27.37
C PRO C 47 36.49 7.28 -27.34
N ASN C 48 35.81 7.33 -26.19
CA ASN C 48 34.71 8.25 -25.90
C ASN C 48 33.44 7.95 -26.68
N THR C 49 33.28 6.77 -27.28
CA THR C 49 32.07 6.48 -28.00
C THR C 49 31.25 5.46 -27.22
N ILE C 50 29.94 5.51 -27.41
CA ILE C 50 29.04 4.50 -26.87
C ILE C 50 28.06 4.12 -27.98
N ALA C 51 27.71 2.84 -28.03
CA ALA C 51 26.82 2.30 -29.08
C ALA C 51 25.55 1.74 -28.44
N LEU C 52 24.50 2.54 -28.42
CA LEU C 52 23.18 2.07 -27.99
C LEU C 52 22.58 1.25 -29.12
N THR C 53 22.36 -0.05 -28.89
CA THR C 53 21.85 -0.94 -29.91
C THR C 53 20.52 -1.53 -29.48
N PHE C 54 19.68 -1.85 -30.46
CA PHE C 54 18.29 -2.23 -30.18
C PHE C 54 17.90 -3.42 -31.05
N ASP C 55 17.44 -4.49 -30.43
CA ASP C 55 17.14 -5.73 -31.12
C ASP C 55 15.65 -5.92 -31.33
N ASP C 56 15.33 -6.70 -32.36
CA ASP C 56 14.07 -7.38 -32.63
C ASP C 56 13.02 -6.49 -33.28
N GLY C 57 13.30 -5.25 -33.61
CA GLY C 57 12.32 -4.40 -34.26
C GLY C 57 12.26 -4.54 -35.78
N PRO C 58 11.57 -3.62 -36.46
CA PRO C 58 10.82 -2.45 -35.97
C PRO C 58 9.44 -2.81 -35.38
N HIS C 59 8.94 -1.93 -34.52
CA HIS C 59 7.66 -2.10 -33.87
C HIS C 59 7.11 -0.72 -33.52
N ILE C 60 6.03 -0.68 -32.73
CA ILE C 60 5.24 0.54 -32.63
C ILE C 60 5.90 1.62 -31.78
N TRP C 61 6.97 1.28 -31.04
CA TRP C 61 7.68 2.24 -30.21
C TRP C 61 8.96 2.76 -30.86
N THR C 62 9.34 2.22 -32.02
CA THR C 62 10.65 2.52 -32.60
C THR C 62 10.75 3.98 -33.05
N GLU C 63 9.69 4.50 -33.65
CA GLU C 63 9.70 5.91 -34.05
C GLU C 63 9.96 6.81 -32.84
N ASN C 64 9.37 6.48 -31.70
CA ASN C 64 9.63 7.19 -30.45
C ASN C 64 11.12 7.17 -30.11
N ALA C 65 11.73 5.98 -30.16
CA ALA C 65 13.15 5.84 -29.84
C ALA C 65 14.02 6.66 -30.79
N VAL C 66 13.74 6.63 -32.10
CA VAL C 66 14.58 7.41 -33.02
C VAL C 66 14.41 8.90 -32.76
N ASN C 67 13.17 9.34 -32.48
CA ASN C 67 12.97 10.74 -32.13
C ASN C 67 13.79 11.12 -30.89
N GLN C 68 13.82 10.26 -29.86
CA GLN C 68 14.58 10.60 -28.65
C GLN C 68 16.06 10.71 -28.94
N LEU C 69 16.59 9.75 -29.69
CA LEU C 69 18.00 9.80 -30.03
C LEU C 69 18.31 11.05 -30.83
N GLU C 70 17.44 11.39 -31.80
CA GLU C 70 17.72 12.55 -32.64
C GLU C 70 17.57 13.86 -31.88
N ALA C 71 16.60 13.95 -30.96
CA ALA C 71 16.46 15.18 -30.17
C ALA C 71 17.69 15.46 -29.34
N ALA C 72 18.49 14.43 -29.02
CA ALA C 72 19.70 14.59 -28.24
C ALA C 72 20.97 14.51 -29.08
N GLY C 73 20.82 14.54 -30.41
CA GLY C 73 21.98 14.49 -31.28
C GLY C 73 22.72 13.17 -31.32
N MET C 74 22.06 12.05 -30.99
CA MET C 74 22.71 10.75 -30.93
C MET C 74 22.18 9.83 -32.02
N LYS C 75 22.95 8.76 -32.27
CA LYS C 75 22.59 7.73 -33.23
C LYS C 75 22.37 6.40 -32.50
N GLY C 76 21.49 5.59 -33.05
CA GLY C 76 21.32 4.24 -32.56
C GLY C 76 21.63 3.22 -33.63
N THR C 77 21.87 1.97 -33.25
CA THR C 77 22.02 0.87 -34.19
C THR C 77 20.86 -0.08 -33.95
N PHE C 78 20.12 -0.41 -35.02
CA PHE C 78 18.89 -1.19 -34.90
C PHE C 78 19.05 -2.51 -35.65
N PHE C 79 19.09 -3.62 -34.92
CA PHE C 79 19.22 -4.95 -35.52
C PHE C 79 17.82 -5.51 -35.72
N LEU C 80 17.38 -5.53 -36.97
CA LEU C 80 15.98 -5.72 -37.34
C LEU C 80 15.69 -7.13 -37.84
N ASN C 81 14.42 -7.51 -37.72
CA ASN C 81 13.91 -8.72 -38.37
C ASN C 81 13.02 -8.35 -39.56
N GLY C 82 12.82 -9.32 -40.45
CA GLY C 82 11.81 -9.13 -41.48
C GLY C 82 10.42 -9.23 -40.88
N LYS C 83 10.18 -10.30 -40.12
CA LYS C 83 8.88 -10.53 -39.47
C LYS C 83 9.08 -11.08 -38.06
N ASN C 84 8.69 -10.29 -37.05
CA ASN C 84 8.78 -10.74 -35.66
C ASN C 84 7.71 -10.05 -34.82
N PHE C 85 8.01 -8.86 -34.30
CA PHE C 85 6.97 -8.04 -33.69
C PHE C 85 6.26 -7.22 -34.76
N GLY C 86 7.04 -6.52 -35.60
CA GLY C 86 6.52 -5.85 -36.76
C GLY C 86 7.02 -6.51 -38.03
N GLU C 87 6.66 -5.90 -39.15
CA GLU C 87 7.15 -6.29 -40.46
C GLU C 87 7.76 -5.09 -41.15
N LEU C 88 8.91 -5.32 -41.80
CA LEU C 88 9.63 -4.24 -42.48
C LEU C 88 8.72 -3.42 -43.38
N LYS C 89 7.85 -4.09 -44.14
CA LYS C 89 7.03 -3.40 -45.15
C LYS C 89 6.04 -2.40 -44.56
N ASN C 90 5.77 -2.42 -43.25
CA ASN C 90 4.88 -1.43 -42.63
C ASN C 90 5.61 -0.24 -42.02
N TYR C 91 6.94 -0.13 -42.24
CA TYR C 91 7.74 0.91 -41.60
C TYR C 91 8.70 1.57 -42.59
N VAL C 92 8.31 1.67 -43.86
CA VAL C 92 9.24 2.17 -44.86
C VAL C 92 9.71 3.57 -44.54
N PRO C 93 8.86 4.56 -44.22
CA PRO C 93 9.39 5.90 -43.89
C PRO C 93 10.38 5.88 -42.75
N LEU C 94 10.11 5.14 -41.68
CA LEU C 94 11.05 5.06 -40.57
C LEU C 94 12.35 4.40 -41.00
N LEU C 95 12.26 3.28 -41.75
CA LEU C 95 13.48 2.61 -42.20
C LEU C 95 14.30 3.53 -43.08
N LYS C 96 13.64 4.30 -43.95
CA LYS C 96 14.38 5.24 -44.79
C LYS C 96 15.07 6.29 -43.94
N ARG C 97 14.39 6.74 -42.89
CA ARG C 97 14.95 7.73 -41.99
C ARG C 97 16.13 7.17 -41.23
N MET C 98 16.01 5.92 -40.75
CA MET C 98 17.15 5.30 -40.09
C MET C 98 18.37 5.30 -41.01
N ARG C 99 18.17 4.95 -42.27
CA ARG C 99 19.31 4.84 -43.16
C ARG C 99 19.83 6.21 -43.57
N ALA C 100 18.94 7.11 -43.96
CA ALA C 100 19.38 8.40 -44.50
C ALA C 100 19.96 9.29 -43.41
N ASN C 101 19.41 9.25 -42.19
CA ASN C 101 19.89 10.09 -41.09
C ASN C 101 21.10 9.48 -40.39
N ARG C 102 21.71 8.45 -40.97
CA ARG C 102 22.97 7.87 -40.50
C ARG C 102 22.82 7.21 -39.12
N HIS C 103 21.65 6.69 -38.81
CA HIS C 103 21.61 5.58 -37.87
C HIS C 103 22.16 4.35 -38.57
N GLN C 104 22.17 3.21 -37.90
CA GLN C 104 22.67 2.00 -38.55
C GLN C 104 21.61 0.92 -38.45
N ILE C 105 21.23 0.39 -39.59
CA ILE C 105 20.42 -0.81 -39.64
C ILE C 105 21.38 -1.99 -39.80
N GLY C 106 21.26 -2.95 -38.89
CA GLY C 106 21.91 -4.24 -39.06
C GLY C 106 20.83 -5.30 -39.16
N SER C 107 21.22 -6.48 -39.61
CA SER C 107 20.30 -7.59 -39.76
C SER C 107 20.30 -8.47 -38.51
N HIS C 108 19.10 -8.86 -38.07
CA HIS C 108 18.87 -9.79 -36.98
C HIS C 108 18.18 -11.07 -37.46
N THR C 109 18.33 -11.38 -38.76
CA THR C 109 17.74 -12.49 -39.51
C THR C 109 16.27 -12.25 -39.88
N TRP C 110 15.76 -13.08 -40.78
CA TRP C 110 14.41 -12.87 -41.28
C TRP C 110 13.36 -12.99 -40.18
N ASP C 111 13.36 -14.12 -39.42
CA ASP C 111 12.31 -14.26 -38.41
C ASP C 111 12.80 -14.85 -37.08
N HIS C 112 14.06 -14.60 -36.72
CA HIS C 112 14.53 -14.77 -35.35
C HIS C 112 14.53 -16.22 -34.84
N PRO C 113 15.18 -17.16 -35.54
CA PRO C 113 15.33 -18.51 -35.00
C PRO C 113 16.63 -18.64 -34.23
N TYR C 114 16.80 -19.81 -33.60
CA TYR C 114 18.11 -20.19 -33.09
C TYR C 114 18.96 -20.68 -34.26
N LEU C 115 19.94 -19.88 -34.69
CA LEU C 115 20.65 -20.21 -35.93
C LEU C 115 21.46 -21.51 -35.84
N THR C 116 21.85 -21.95 -34.63
CA THR C 116 22.58 -23.22 -34.55
C THR C 116 21.66 -24.42 -34.80
N GLN C 117 20.34 -24.24 -34.69
CA GLN C 117 19.39 -25.32 -34.93
C GLN C 117 18.95 -25.38 -36.37
N LEU C 118 19.61 -24.63 -37.27
CA LEU C 118 19.29 -24.63 -38.68
C LEU C 118 20.48 -25.16 -39.47
N SER C 119 20.18 -25.65 -40.66
CA SER C 119 21.24 -26.02 -41.58
C SER C 119 21.96 -24.77 -42.08
N ASP C 120 23.14 -25.00 -42.66
CA ASP C 120 23.88 -23.89 -43.24
C ASP C 120 23.09 -23.23 -44.38
N ALA C 121 22.35 -24.02 -45.15
CA ALA C 121 21.55 -23.42 -46.22
C ALA C 121 20.47 -22.52 -45.64
N ALA C 122 19.80 -22.98 -44.58
CA ALA C 122 18.73 -22.17 -44.00
C ALA C 122 19.29 -20.98 -43.22
N VAL C 123 20.49 -21.11 -42.64
CA VAL C 123 21.13 -19.97 -42.03
C VAL C 123 21.40 -18.88 -43.07
N ARG C 124 22.01 -19.28 -44.19
CA ARG C 124 22.26 -18.33 -45.27
C ARG C 124 20.97 -17.67 -45.73
N LYS C 125 19.89 -18.45 -45.83
CA LYS C 125 18.64 -17.91 -46.35
C LYS C 125 17.96 -16.99 -45.34
N GLN C 126 18.17 -17.23 -44.04
CA GLN C 126 17.68 -16.29 -43.05
C GLN C 126 18.33 -14.92 -43.23
N MET C 127 19.55 -14.89 -43.76
CA MET C 127 20.22 -13.63 -44.01
C MET C 127 19.78 -13.03 -45.34
N THR C 128 19.80 -13.83 -46.43
CA THR C 128 19.46 -13.26 -47.73
C THR C 128 18.00 -12.87 -47.82
N ASP C 129 17.12 -13.56 -47.10
CA ASP C 129 15.72 -13.15 -47.10
C ASP C 129 15.57 -11.75 -46.52
N PHE C 130 16.32 -11.43 -45.45
CA PHE C 130 16.25 -10.11 -44.88
C PHE C 130 16.82 -9.06 -45.83
N GLU C 131 17.99 -9.34 -46.40
CA GLU C 131 18.60 -8.42 -47.36
C GLU C 131 17.64 -8.08 -48.49
N ASN C 132 17.02 -9.10 -49.10
CA ASN C 132 16.16 -8.86 -50.27
C ASN C 132 14.98 -7.97 -49.89
N GLU C 133 14.44 -8.13 -48.68
CA GLU C 133 13.28 -7.31 -48.33
C GLU C 133 13.69 -5.89 -47.95
N LEU C 134 14.77 -5.74 -47.19
CA LEU C 134 15.22 -4.39 -46.88
C LEU C 134 15.66 -3.66 -48.14
N ARG C 135 16.28 -4.37 -49.08
CA ARG C 135 16.75 -3.72 -50.30
C ARG C 135 15.59 -3.29 -51.17
N ARG C 136 14.57 -4.13 -51.28
CA ARG C 136 13.41 -3.80 -52.07
C ARG C 136 12.68 -2.59 -51.52
N LEU C 137 12.76 -2.37 -50.20
CA LEU C 137 12.02 -1.34 -49.49
C LEU C 137 12.75 0.00 -49.38
N ILE C 138 14.06 0.00 -49.11
CA ILE C 138 14.76 1.25 -48.89
C ILE C 138 16.00 1.36 -49.77
N GLY C 139 16.36 0.27 -50.44
CA GLY C 139 17.40 0.29 -51.45
C GLY C 139 18.73 -0.27 -51.01
N TYR C 140 18.90 -0.51 -49.72
CA TYR C 140 20.17 -0.96 -49.16
C TYR C 140 19.95 -2.24 -48.38
N TYR C 141 21.03 -2.99 -48.23
CA TYR C 141 21.03 -4.05 -47.22
C TYR C 141 22.31 -3.99 -46.40
N PRO C 142 22.25 -4.44 -45.16
CA PRO C 142 23.36 -4.19 -44.24
C PRO C 142 24.48 -5.21 -44.41
N THR C 143 25.64 -4.83 -43.88
CA THR C 143 26.78 -5.70 -43.77
C THR C 143 27.11 -6.05 -42.33
N TYR C 144 26.31 -5.60 -41.36
CA TYR C 144 26.48 -5.93 -39.94
C TYR C 144 25.30 -6.79 -39.48
N MET C 145 25.57 -7.79 -38.63
CA MET C 145 24.47 -8.57 -38.11
C MET C 145 24.72 -8.89 -36.65
N ARG C 146 23.65 -9.22 -35.94
CA ARG C 146 23.71 -9.72 -34.59
C ARG C 146 22.88 -10.99 -34.52
N PRO C 147 23.45 -12.12 -34.08
CA PRO C 147 22.71 -13.39 -34.07
C PRO C 147 21.58 -13.36 -33.05
N PRO C 148 20.39 -13.83 -33.41
CA PRO C 148 19.31 -13.95 -32.43
C PRO C 148 19.73 -14.83 -31.25
N TYR C 149 19.33 -14.42 -30.05
CA TYR C 149 19.64 -15.09 -28.80
C TYR C 149 21.14 -15.25 -28.57
N PHE C 150 21.97 -14.55 -29.34
CA PHE C 150 23.42 -14.74 -29.28
C PHE C 150 23.78 -16.22 -29.47
N ASP C 151 22.99 -16.92 -30.27
CA ASP C 151 23.17 -18.33 -30.53
C ASP C 151 23.96 -18.49 -31.83
N TYR C 152 25.18 -19.00 -31.73
CA TYR C 152 26.01 -19.19 -32.92
C TYR C 152 27.17 -20.11 -32.57
N ASN C 153 27.67 -20.83 -33.59
CA ASN C 153 28.87 -21.66 -33.47
C ASN C 153 29.78 -21.44 -34.67
N ALA C 154 30.83 -22.25 -34.82
CA ALA C 154 31.75 -22.05 -35.94
C ALA C 154 31.04 -22.20 -37.28
N LYS C 155 30.01 -23.04 -37.35
CA LYS C 155 29.29 -23.17 -38.62
C LYS C 155 28.54 -21.90 -38.95
N THR C 156 27.86 -21.32 -37.95
CA THR C 156 27.17 -20.05 -38.15
C THR C 156 28.12 -18.97 -38.60
N LEU C 157 29.26 -18.83 -37.92
CA LEU C 157 30.20 -17.77 -38.25
C LEU C 157 30.79 -17.96 -39.63
N ALA C 158 30.98 -19.21 -40.06
CA ALA C 158 31.51 -19.44 -41.40
C ALA C 158 30.52 -18.98 -42.46
N VAL C 159 29.23 -19.19 -42.22
CA VAL C 159 28.23 -18.66 -43.13
C VAL C 159 28.30 -17.13 -43.16
N MET C 160 28.45 -16.51 -41.98
CA MET C 160 28.52 -15.05 -41.91
C MET C 160 29.77 -14.55 -42.63
N LYS C 161 30.87 -15.30 -42.52
CA LYS C 161 32.09 -14.91 -43.21
C LYS C 161 31.92 -15.01 -44.74
N GLU C 162 31.28 -16.08 -45.20
CA GLU C 162 31.04 -16.22 -46.62
C GLU C 162 30.14 -15.09 -47.13
N LEU C 163 29.19 -14.63 -46.32
CA LEU C 163 28.32 -13.54 -46.73
C LEU C 163 28.94 -12.15 -46.53
N GLY C 164 30.08 -12.05 -45.86
CA GLY C 164 30.70 -10.75 -45.68
C GLY C 164 30.16 -9.89 -44.55
N TYR C 165 29.60 -10.51 -43.50
CA TYR C 165 28.98 -9.79 -42.38
C TYR C 165 29.96 -9.62 -41.23
N ARG C 166 30.00 -8.42 -40.66
CA ARG C 166 30.52 -8.24 -39.31
C ARG C 166 29.48 -8.72 -38.30
N VAL C 167 29.92 -9.52 -37.33
CA VAL C 167 29.06 -10.12 -36.33
C VAL C 167 29.22 -9.38 -35.02
N ILE C 168 28.15 -8.73 -34.56
CA ILE C 168 28.20 -7.86 -33.40
C ILE C 168 27.52 -8.54 -32.22
N HIS C 169 28.28 -8.81 -31.18
CA HIS C 169 27.74 -9.31 -29.93
C HIS C 169 27.38 -8.09 -29.08
N ALA C 170 27.77 -8.06 -27.81
CA ALA C 170 27.54 -6.93 -26.92
C ALA C 170 28.37 -7.14 -25.67
N ASP C 171 28.56 -6.06 -24.89
CA ASP C 171 29.26 -6.19 -23.61
C ASP C 171 28.54 -5.53 -22.45
N LEU C 172 27.40 -4.87 -22.66
CA LEU C 172 26.56 -4.35 -21.58
C LEU C 172 25.14 -4.83 -21.84
N ASP C 173 24.70 -5.83 -21.09
CA ASP C 173 23.34 -6.36 -21.22
C ASP C 173 22.45 -5.63 -20.21
N THR C 174 21.50 -4.81 -20.70
CA THR C 174 20.61 -4.11 -19.78
C THR C 174 19.51 -5.01 -19.20
N ASN C 175 19.34 -6.24 -19.70
CA ASN C 175 18.28 -7.14 -19.24
C ASN C 175 16.91 -6.46 -19.24
N ASP C 176 16.70 -5.58 -20.22
CA ASP C 176 15.48 -4.78 -20.25
C ASP C 176 14.23 -5.63 -20.44
N TRP C 177 14.37 -6.89 -20.87
CA TRP C 177 13.24 -7.79 -21.06
C TRP C 177 12.64 -8.30 -19.75
N LYS C 178 13.34 -8.14 -18.61
CA LYS C 178 12.77 -8.49 -17.31
C LYS C 178 11.84 -7.41 -16.78
N PHE C 179 11.79 -6.24 -17.42
CA PHE C 179 10.87 -5.16 -17.09
C PHE C 179 11.10 -4.59 -15.69
N ASP C 180 12.29 -4.77 -15.16
CA ASP C 180 12.71 -4.15 -13.91
C ASP C 180 13.56 -2.93 -14.28
N MET C 181 12.91 -1.79 -14.39
CA MET C 181 13.63 -0.61 -14.86
C MET C 181 14.61 -0.02 -13.87
N PRO C 182 14.31 0.03 -12.57
CA PRO C 182 15.37 0.45 -11.63
C PRO C 182 16.59 -0.43 -11.74
N ALA C 183 16.42 -1.75 -11.87
CA ALA C 183 17.58 -2.62 -12.01
C ALA C 183 18.31 -2.38 -13.34
N SER C 184 17.55 -2.22 -14.45
CA SER C 184 18.19 -2.03 -15.75
C SER C 184 18.99 -0.73 -15.80
N ILE C 185 18.41 0.37 -15.30
CA ILE C 185 19.13 1.63 -15.25
C ILE C 185 20.36 1.50 -14.35
N ALA C 186 20.25 0.74 -13.28
CA ALA C 186 21.40 0.58 -12.39
C ALA C 186 22.49 -0.23 -13.08
N ALA C 187 22.10 -1.28 -13.82
CA ALA C 187 23.11 -2.04 -14.55
C ALA C 187 23.77 -1.19 -15.61
N PHE C 188 23.00 -0.32 -16.25
CA PHE C 188 23.59 0.61 -17.22
C PHE C 188 24.62 1.51 -16.55
N LYS C 189 24.26 2.14 -15.43
CA LYS C 189 25.19 3.05 -14.80
C LYS C 189 26.41 2.32 -14.29
N ALA C 190 26.24 1.08 -13.83
CA ALA C 190 27.38 0.38 -13.26
C ALA C 190 28.34 -0.12 -14.34
N GLY C 191 27.85 -0.36 -15.55
CA GLY C 191 28.71 -0.98 -16.55
C GLY C 191 29.18 -0.09 -17.68
N VAL C 192 28.64 1.13 -17.78
CA VAL C 192 28.87 1.94 -18.98
C VAL C 192 30.31 2.46 -19.08
N ALA C 193 31.00 2.66 -17.96
CA ALA C 193 32.36 3.18 -18.06
C ALA C 193 33.25 2.23 -18.84
N ASN C 194 33.03 0.92 -18.69
CA ASN C 194 33.89 -0.08 -19.31
C ASN C 194 33.24 -0.83 -20.46
N ASN C 195 31.93 -0.70 -20.65
CA ASN C 195 31.20 -1.49 -21.64
C ASN C 195 30.33 -0.58 -22.48
N ARG C 196 30.57 -0.56 -23.80
CA ARG C 196 30.03 0.47 -24.65
C ARG C 196 29.14 -0.04 -25.78
N ILE C 197 29.00 -1.35 -25.95
CA ILE C 197 28.02 -1.89 -26.89
C ILE C 197 26.84 -2.39 -26.07
N VAL C 198 25.80 -1.55 -25.99
CA VAL C 198 24.72 -1.70 -25.03
C VAL C 198 23.56 -2.42 -25.70
N LEU C 199 23.07 -3.47 -25.05
CA LEU C 199 21.99 -4.28 -25.59
C LEU C 199 20.66 -3.85 -24.97
N ALA C 200 19.71 -3.45 -25.82
CA ALA C 200 18.35 -3.24 -25.39
C ALA C 200 17.43 -3.75 -26.50
N HIS C 201 16.12 -3.74 -26.22
CA HIS C 201 15.12 -4.23 -27.18
C HIS C 201 14.03 -3.18 -27.30
N ASP C 202 14.02 -2.41 -28.39
CA ASP C 202 13.05 -1.33 -28.51
C ASP C 202 11.63 -1.83 -28.78
N VAL C 203 11.43 -3.14 -28.83
CA VAL C 203 10.09 -3.75 -29.03
C VAL C 203 9.30 -3.70 -27.72
N HIS C 204 9.98 -3.49 -26.60
CA HIS C 204 9.32 -3.36 -25.27
C HIS C 204 9.00 -1.89 -24.98
N GLU C 205 7.77 -1.60 -24.57
CA GLU C 205 7.34 -0.24 -24.31
C GLU C 205 8.17 0.44 -23.23
N THR C 206 8.46 -0.27 -22.13
CA THR C 206 9.23 0.33 -21.05
C THR C 206 10.66 0.65 -21.46
N THR C 207 11.24 -0.13 -22.39
CA THR C 207 12.58 0.18 -22.84
C THR C 207 12.62 1.55 -23.49
N VAL C 208 11.62 1.88 -24.30
CA VAL C 208 11.60 3.14 -25.04
C VAL C 208 11.16 4.28 -24.14
N LYS C 209 10.21 4.03 -23.23
CA LYS C 209 9.63 5.11 -22.44
C LYS C 209 10.37 5.35 -21.13
N THR C 210 11.02 4.34 -20.55
CA THR C 210 11.69 4.53 -19.27
C THR C 210 13.20 4.30 -19.35
N LEU C 211 13.64 3.18 -19.94
CA LEU C 211 15.07 2.90 -19.98
C LEU C 211 15.80 3.87 -20.90
N LEU C 212 15.30 4.05 -22.12
CA LEU C 212 16.03 4.88 -23.07
C LEU C 212 16.22 6.31 -22.59
N PRO C 213 15.22 7.01 -22.02
CA PRO C 213 15.50 8.34 -21.48
C PRO C 213 16.56 8.33 -20.40
N ALA C 214 16.60 7.28 -19.56
CA ALA C 214 17.66 7.22 -18.55
C ALA C 214 19.03 6.99 -19.19
N MET C 215 19.12 6.11 -20.20
CA MET C 215 20.41 5.90 -20.86
C MET C 215 20.88 7.18 -21.53
N ILE C 216 19.99 7.88 -22.24
CA ILE C 216 20.38 9.10 -22.91
C ILE C 216 20.90 10.12 -21.91
N LYS C 217 20.21 10.24 -20.75
CA LYS C 217 20.64 11.24 -19.79
C LYS C 217 22.00 10.89 -19.22
N GLU C 218 22.24 9.63 -18.90
CA GLU C 218 23.54 9.28 -18.34
C GLU C 218 24.66 9.46 -19.37
N VAL C 219 24.39 9.17 -20.64
CA VAL C 219 25.40 9.41 -21.67
C VAL C 219 25.74 10.89 -21.72
N GLN C 220 24.72 11.75 -21.64
CA GLN C 220 24.98 13.18 -21.61
C GLN C 220 25.82 13.58 -20.40
N ARG C 221 25.55 12.97 -19.24
CA ARG C 221 26.28 13.33 -18.03
C ARG C 221 27.75 12.97 -18.12
N LEU C 222 28.06 11.81 -18.73
CA LEU C 222 29.46 11.40 -18.91
C LEU C 222 30.13 12.02 -20.13
N LYS C 223 29.37 12.84 -20.88
CA LYS C 223 29.89 13.51 -22.11
C LYS C 223 30.46 12.44 -23.07
N LEU C 224 29.72 11.36 -23.28
CA LEU C 224 30.17 10.34 -24.24
C LEU C 224 29.48 10.63 -25.55
N LYS C 225 30.07 10.12 -26.63
CA LYS C 225 29.56 10.30 -27.99
C LYS C 225 28.72 9.09 -28.38
N ALA C 226 27.40 9.25 -28.45
CA ALA C 226 26.53 8.12 -28.79
C ALA C 226 26.45 8.00 -30.31
N VAL C 227 27.17 7.02 -30.86
CA VAL C 227 27.31 6.85 -32.31
C VAL C 227 26.84 5.46 -32.68
N THR C 228 26.94 5.11 -33.97
CA THR C 228 26.60 3.76 -34.42
C THR C 228 27.72 2.80 -34.05
N VAL C 229 27.40 1.50 -34.14
CA VAL C 229 28.39 0.46 -33.87
C VAL C 229 29.56 0.58 -34.84
N GLY C 230 29.27 0.87 -36.12
CA GLY C 230 30.34 1.07 -37.08
C GLY C 230 31.29 2.18 -36.67
N GLU C 231 30.75 3.35 -36.33
CA GLU C 231 31.60 4.46 -35.89
C GLU C 231 32.44 4.07 -34.69
N CYS C 232 31.81 3.43 -33.70
CA CYS C 232 32.55 3.06 -32.49
C CYS C 232 33.57 1.96 -32.76
N LEU C 233 33.49 1.29 -33.91
CA LEU C 233 34.47 0.28 -34.32
C LEU C 233 35.48 0.80 -35.34
N GLY C 234 35.39 2.08 -35.71
CA GLY C 234 36.29 2.72 -36.66
C GLY C 234 35.91 2.58 -38.10
N GLU C 235 34.70 2.14 -38.42
CA GLU C 235 34.30 1.87 -39.80
C GLU C 235 33.19 2.83 -40.20
N PRO C 236 33.41 3.71 -41.17
CA PRO C 236 32.43 4.74 -41.47
C PRO C 236 31.30 4.20 -42.35
N TYR C 237 30.31 5.06 -42.59
CA TYR C 237 29.05 4.68 -43.22
C TYR C 237 29.24 3.98 -44.57
N ALA C 238 30.27 4.33 -45.34
CA ALA C 238 30.40 3.71 -46.65
C ALA C 238 30.48 2.17 -46.60
N TYR C 239 30.76 1.58 -45.43
CA TYR C 239 30.91 0.14 -45.30
C TYR C 239 29.74 -0.55 -44.57
N TRP C 240 28.69 0.16 -44.18
CA TRP C 240 27.62 -0.49 -43.44
C TRP C 240 26.60 -1.17 -44.35
N TYR C 241 26.57 -0.83 -45.64
CA TYR C 241 25.53 -1.34 -46.52
C TYR C 241 26.12 -1.78 -47.86
N ARG C 242 25.35 -2.60 -48.56
CA ARG C 242 25.59 -2.92 -49.95
C ARG C 242 24.34 -2.55 -50.72
N VAL C 243 24.52 -2.31 -52.02
CA VAL C 243 23.43 -1.92 -52.90
C VAL C 243 23.23 -2.94 -54.00
N THR C 244 24.32 -3.35 -54.67
CA THR C 244 24.21 -4.30 -55.79
C THR C 244 23.78 -5.66 -55.26
N PRO C 245 22.74 -6.27 -55.82
CA PRO C 245 22.34 -7.60 -55.35
C PRO C 245 23.47 -8.63 -55.56
N ARG C 246 23.42 -9.70 -54.77
CA ARG C 246 24.44 -10.75 -54.83
C ARG C 246 24.38 -11.49 -56.17
N LEU D 35 69.06 -2.25 -5.44
CA LEU D 35 68.38 -2.21 -6.74
C LEU D 35 69.34 -2.38 -7.91
N PRO D 36 68.95 -3.18 -8.88
CA PRO D 36 69.78 -3.40 -10.06
C PRO D 36 69.59 -2.31 -11.12
N ASN D 37 70.63 -2.12 -11.92
CA ASN D 37 70.58 -1.24 -13.08
C ASN D 37 70.29 -2.05 -14.32
N GLY D 38 69.63 -1.41 -15.29
CA GLY D 38 69.37 -2.06 -16.56
C GLY D 38 68.48 -3.28 -16.47
N VAL D 39 67.57 -3.30 -15.50
CA VAL D 39 66.59 -4.36 -15.31
C VAL D 39 65.23 -3.70 -15.15
N ALA D 40 64.28 -4.07 -16.00
CA ALA D 40 62.95 -3.47 -15.92
C ALA D 40 62.31 -3.72 -14.55
N ILE D 41 61.81 -2.67 -13.92
CA ILE D 41 61.18 -2.76 -12.61
C ILE D 41 59.70 -2.48 -12.78
N PHE D 42 58.85 -3.34 -12.20
CA PHE D 42 57.43 -3.29 -12.49
C PHE D 42 56.56 -2.85 -11.33
N LYS D 43 56.93 -3.22 -10.09
CA LYS D 43 56.04 -3.04 -8.95
C LYS D 43 56.78 -2.37 -7.81
N CYS D 44 56.05 -1.55 -7.07
CA CYS D 44 56.51 -1.10 -5.77
C CYS D 44 56.67 -2.29 -4.83
N THR D 45 57.56 -2.12 -3.84
CA THR D 45 57.79 -3.13 -2.82
C THR D 45 57.53 -2.65 -1.40
N VAL D 46 57.51 -1.34 -1.14
CA VAL D 46 57.32 -0.85 0.22
C VAL D 46 55.82 -0.80 0.50
N PRO D 47 55.36 -1.43 1.58
CA PRO D 47 53.91 -1.55 1.82
C PRO D 47 53.24 -0.20 1.99
N ASN D 48 51.97 -0.10 1.59
CA ASN D 48 51.14 1.13 1.77
C ASN D 48 51.59 2.28 0.87
N THR D 49 52.44 2.01 -0.11
CA THR D 49 52.97 3.10 -0.97
C THR D 49 52.42 3.01 -2.39
N ILE D 50 52.13 4.16 -3.00
CA ILE D 50 51.76 4.24 -4.40
C ILE D 50 52.62 5.31 -5.04
N ALA D 51 53.01 5.11 -6.30
CA ALA D 51 53.86 6.04 -7.04
C ALA D 51 53.11 6.50 -8.28
N LEU D 52 52.51 7.69 -8.21
CA LEU D 52 51.89 8.32 -9.36
C LEU D 52 52.99 8.87 -10.25
N THR D 53 53.09 8.36 -11.49
CA THR D 53 54.18 8.74 -12.38
C THR D 53 53.64 9.40 -13.65
N PHE D 54 54.44 10.29 -14.24
CA PHE D 54 53.95 11.13 -15.33
C PHE D 54 55.00 11.27 -16.43
N ASP D 55 54.60 10.91 -17.64
CA ASP D 55 55.50 10.86 -18.78
C ASP D 55 55.27 12.05 -19.70
N ASP D 56 56.31 12.41 -20.45
CA ASP D 56 56.33 13.23 -21.65
C ASP D 56 56.40 14.74 -21.40
N GLY D 57 56.45 15.20 -20.15
CA GLY D 57 56.54 16.61 -19.90
C GLY D 57 57.96 17.13 -19.94
N PRO D 58 58.18 18.35 -19.43
CA PRO D 58 57.18 19.26 -18.86
C PRO D 58 56.35 19.97 -19.93
N HIS D 59 55.16 20.46 -19.55
CA HIS D 59 54.29 21.19 -20.47
C HIS D 59 53.41 22.11 -19.63
N ILE D 60 52.40 22.74 -20.25
CA ILE D 60 51.76 23.88 -19.59
C ILE D 60 50.85 23.50 -18.43
N TRP D 61 50.52 22.22 -18.26
CA TRP D 61 49.66 21.78 -17.14
C TRP D 61 50.47 21.19 -15.99
N THR D 62 51.77 21.05 -16.16
CA THR D 62 52.58 20.31 -15.18
C THR D 62 52.64 21.02 -13.82
N GLU D 63 52.79 22.34 -13.82
CA GLU D 63 52.78 23.08 -12.56
C GLU D 63 51.47 22.86 -11.80
N ASN D 64 50.35 22.90 -12.52
CA ASN D 64 49.05 22.59 -11.96
C ASN D 64 49.07 21.22 -11.29
N ALA D 65 49.58 20.20 -12.00
CA ALA D 65 49.66 18.87 -11.42
C ALA D 65 50.53 18.86 -10.16
N VAL D 66 51.69 19.56 -10.19
CA VAL D 66 52.53 19.61 -9.00
C VAL D 66 51.81 20.32 -7.87
N ASN D 67 51.09 21.41 -8.17
CA ASN D 67 50.31 22.07 -7.11
C ASN D 67 49.28 21.12 -6.53
N GLN D 68 48.60 20.33 -7.37
CA GLN D 68 47.60 19.42 -6.84
C GLN D 68 48.25 18.40 -5.92
N LEU D 69 49.39 17.84 -6.34
CA LEU D 69 50.06 16.85 -5.50
C LEU D 69 50.53 17.45 -4.17
N GLU D 70 51.13 18.64 -4.20
CA GLU D 70 51.64 19.21 -2.94
C GLU D 70 50.51 19.62 -2.00
N ALA D 71 49.39 20.11 -2.55
CA ALA D 71 48.26 20.47 -1.70
C ALA D 71 47.70 19.27 -0.92
N ALA D 72 47.93 18.05 -1.39
CA ALA D 72 47.47 16.83 -0.74
C ALA D 72 48.58 16.07 -0.05
N GLY D 73 49.77 16.66 0.11
CA GLY D 73 50.85 15.98 0.81
C GLY D 73 51.47 14.83 0.03
N MET D 74 51.37 14.90 -1.29
CA MET D 74 51.77 13.82 -2.18
C MET D 74 52.98 14.22 -3.01
N LYS D 75 53.71 13.21 -3.50
CA LYS D 75 54.83 13.42 -4.40
C LYS D 75 54.55 12.76 -5.73
N GLY D 76 55.09 13.33 -6.80
CA GLY D 76 55.01 12.69 -8.09
C GLY D 76 56.37 12.31 -8.65
N THR D 77 56.36 11.41 -9.63
CA THR D 77 57.57 11.07 -10.38
C THR D 77 57.32 11.51 -11.81
N PHE D 78 58.22 12.33 -12.35
CA PHE D 78 58.01 12.93 -13.66
C PHE D 78 59.13 12.46 -14.58
N PHE D 79 58.77 11.67 -15.58
CA PHE D 79 59.74 11.18 -16.55
C PHE D 79 59.72 12.12 -17.76
N LEU D 80 60.77 12.93 -17.90
CA LEU D 80 60.79 14.07 -18.79
C LEU D 80 61.51 13.82 -20.10
N ASN D 81 61.16 14.60 -21.11
CA ASN D 81 61.88 14.67 -22.36
C ASN D 81 62.63 16.00 -22.41
N GLY D 82 63.59 16.08 -23.34
CA GLY D 82 64.28 17.35 -23.59
C GLY D 82 63.40 18.30 -24.37
N LYS D 83 62.90 17.76 -25.49
CA LYS D 83 61.95 18.39 -26.41
C LYS D 83 60.94 17.36 -26.85
N ASN D 84 59.68 17.63 -26.54
CA ASN D 84 58.58 16.83 -27.00
C ASN D 84 57.33 17.69 -27.07
N PHE D 85 56.60 17.79 -25.96
CA PHE D 85 55.52 18.77 -25.92
C PHE D 85 56.08 20.14 -25.55
N GLY D 86 56.84 20.20 -24.47
CA GLY D 86 57.57 21.40 -24.11
C GLY D 86 59.06 21.14 -24.17
N GLU D 87 59.86 22.11 -23.72
CA GLU D 87 61.31 21.96 -23.60
C GLU D 87 61.73 22.29 -22.18
N LEU D 88 62.68 21.50 -21.66
CA LEU D 88 63.18 21.70 -20.31
C LEU D 88 63.52 23.16 -20.06
N LYS D 89 64.22 23.80 -21.00
CA LYS D 89 64.70 25.15 -20.77
C LYS D 89 63.58 26.17 -20.59
N ASN D 90 62.33 25.83 -20.91
CA ASN D 90 61.24 26.77 -20.70
C ASN D 90 60.52 26.55 -19.37
N TYR D 91 61.04 25.67 -18.50
CA TYR D 91 60.40 25.33 -17.23
C TYR D 91 61.38 25.26 -16.08
N VAL D 92 62.44 26.08 -16.11
CA VAL D 92 63.47 25.98 -15.08
C VAL D 92 62.93 26.20 -13.69
N PRO D 93 62.13 27.26 -13.42
CA PRO D 93 61.61 27.41 -12.04
C PRO D 93 60.87 26.18 -11.56
N LEU D 94 60.00 25.63 -12.41
CA LEU D 94 59.25 24.43 -12.04
C LEU D 94 60.17 23.24 -11.82
N LEU D 95 61.17 23.05 -12.71
CA LEU D 95 62.09 21.92 -12.56
C LEU D 95 62.88 22.01 -11.27
N LYS D 96 63.27 23.21 -10.86
CA LYS D 96 63.99 23.36 -9.59
C LYS D 96 63.09 23.01 -8.42
N ARG D 97 61.82 23.37 -8.51
CA ARG D 97 60.87 23.07 -7.45
C ARG D 97 60.62 21.56 -7.33
N MET D 98 60.49 20.88 -8.48
CA MET D 98 60.34 19.43 -8.51
C MET D 98 61.48 18.76 -7.77
N ARG D 99 62.71 19.22 -8.01
CA ARG D 99 63.87 18.55 -7.42
C ARG D 99 64.01 18.87 -5.94
N ALA D 100 63.89 20.15 -5.57
CA ALA D 100 64.14 20.54 -4.19
C ALA D 100 63.03 20.08 -3.26
N ASN D 101 61.78 20.10 -3.72
CA ASN D 101 60.68 19.67 -2.85
C ASN D 101 60.51 18.16 -2.82
N ARG D 102 61.48 17.42 -3.37
CA ARG D 102 61.54 15.96 -3.28
C ARG D 102 60.43 15.26 -4.07
N HIS D 103 59.97 15.83 -5.18
CA HIS D 103 59.41 14.98 -6.21
C HIS D 103 60.58 14.25 -6.86
N GLN D 104 60.33 13.40 -7.85
CA GLN D 104 61.42 12.72 -8.53
C GLN D 104 61.37 13.03 -10.00
N ILE D 105 62.48 13.52 -10.53
CA ILE D 105 62.66 13.67 -11.97
C ILE D 105 63.36 12.43 -12.51
N GLY D 106 62.75 11.77 -13.50
CA GLY D 106 63.41 10.72 -14.24
C GLY D 106 63.58 11.10 -15.70
N SER D 107 64.39 10.32 -16.39
CA SER D 107 64.65 10.55 -17.81
C SER D 107 63.69 9.73 -18.65
N HIS D 108 63.13 10.38 -19.68
CA HIS D 108 62.31 9.74 -20.70
C HIS D 108 62.97 9.89 -22.08
N THR D 109 64.30 10.11 -22.10
CA THR D 109 65.15 10.34 -23.27
C THR D 109 65.02 11.75 -23.84
N TRP D 110 65.95 12.12 -24.74
CA TRP D 110 66.00 13.50 -25.21
C TRP D 110 64.72 13.90 -25.95
N ASP D 111 64.31 13.13 -27.00
CA ASP D 111 63.12 13.50 -27.76
C ASP D 111 62.23 12.31 -28.13
N HIS D 112 62.19 11.27 -27.30
CA HIS D 112 61.12 10.28 -27.35
C HIS D 112 61.08 9.43 -28.62
N PRO D 113 62.18 8.79 -29.03
CA PRO D 113 62.10 7.85 -30.14
C PRO D 113 61.77 6.45 -29.65
N TYR D 114 61.56 5.54 -30.60
CA TYR D 114 61.51 4.11 -30.30
C TYR D 114 62.94 3.60 -30.15
N LEU D 115 63.36 3.32 -28.91
CA LEU D 115 64.78 3.11 -28.67
C LEU D 115 65.32 1.84 -29.33
N THR D 116 64.49 0.85 -29.63
CA THR D 116 65.02 -0.36 -30.27
C THR D 116 65.38 -0.13 -31.73
N GLN D 117 65.01 1.03 -32.26
CA GLN D 117 65.25 1.34 -33.68
C GLN D 117 66.51 2.19 -33.80
N LEU D 118 67.23 2.36 -32.70
CA LEU D 118 68.44 3.15 -32.67
C LEU D 118 69.64 2.28 -32.34
N SER D 119 70.79 2.68 -32.85
CA SER D 119 72.02 2.00 -32.51
C SER D 119 72.34 2.21 -31.03
N ASP D 120 73.22 1.39 -30.49
CA ASP D 120 73.61 1.56 -29.09
C ASP D 120 74.19 2.95 -28.86
N ALA D 121 74.95 3.47 -29.82
CA ALA D 121 75.55 4.78 -29.64
C ALA D 121 74.47 5.85 -29.56
N ALA D 122 73.46 5.75 -30.44
CA ALA D 122 72.40 6.76 -30.45
C ALA D 122 71.48 6.61 -29.24
N VAL D 123 71.29 5.39 -28.74
CA VAL D 123 70.54 5.23 -27.50
C VAL D 123 71.26 5.93 -26.36
N ARG D 124 72.56 5.67 -26.23
CA ARG D 124 73.34 6.34 -25.19
C ARG D 124 73.25 7.86 -25.32
N LYS D 125 73.28 8.38 -26.55
CA LYS D 125 73.22 9.82 -26.72
C LYS D 125 71.83 10.38 -26.40
N GLN D 126 70.77 9.58 -26.59
CA GLN D 126 69.44 10.01 -26.18
C GLN D 126 69.39 10.23 -24.67
N MET D 127 70.19 9.46 -23.93
CA MET D 127 70.28 9.56 -22.48
C MET D 127 71.19 10.71 -22.05
N THR D 128 72.42 10.76 -22.59
CA THR D 128 73.37 11.78 -22.15
C THR D 128 72.96 13.17 -22.61
N ASP D 129 72.27 13.28 -23.76
CA ASP D 129 71.79 14.59 -24.17
C ASP D 129 70.80 15.15 -23.14
N PHE D 130 69.94 14.28 -22.59
CA PHE D 130 69.03 14.74 -21.56
C PHE D 130 69.78 15.11 -20.28
N GLU D 131 70.70 14.25 -19.84
CA GLU D 131 71.49 14.54 -18.66
C GLU D 131 72.14 15.92 -18.75
N ASN D 132 72.78 16.20 -19.88
CA ASN D 132 73.50 17.46 -20.02
C ASN D 132 72.57 18.66 -19.89
N GLU D 133 71.36 18.57 -20.45
CA GLU D 133 70.48 19.73 -20.42
C GLU D 133 69.83 19.89 -19.07
N LEU D 134 69.42 18.80 -18.43
CA LEU D 134 68.87 18.95 -17.08
C LEU D 134 69.96 19.42 -16.12
N ARG D 135 71.19 18.96 -16.31
CA ARG D 135 72.25 19.37 -15.41
C ARG D 135 72.60 20.85 -15.58
N ARG D 136 72.62 21.33 -16.82
CA ARG D 136 72.93 22.72 -17.08
C ARG D 136 71.87 23.64 -16.48
N LEU D 137 70.61 23.18 -16.40
CA LEU D 137 69.47 23.99 -15.95
C LEU D 137 69.26 23.94 -14.45
N ILE D 138 69.36 22.77 -13.82
CA ILE D 138 69.02 22.67 -12.40
C ILE D 138 70.16 22.06 -11.59
N GLY D 139 71.19 21.54 -12.27
CA GLY D 139 72.37 21.09 -11.59
C GLY D 139 72.48 19.60 -11.38
N TYR D 140 71.41 18.84 -11.60
CA TYR D 140 71.42 17.41 -11.37
C TYR D 140 71.01 16.67 -12.64
N TYR D 141 71.42 15.42 -12.74
CA TYR D 141 70.81 14.57 -13.77
C TYR D 141 70.39 13.26 -13.13
N PRO D 142 69.36 12.61 -13.65
CA PRO D 142 68.73 11.51 -12.90
C PRO D 142 69.44 10.17 -13.08
N THR D 143 69.14 9.27 -12.15
CA THR D 143 69.57 7.89 -12.25
C THR D 143 68.43 6.94 -12.56
N TYR D 144 67.19 7.44 -12.70
CA TYR D 144 66.03 6.64 -13.06
C TYR D 144 65.58 7.02 -14.46
N MET D 145 65.15 6.02 -15.25
CA MET D 145 64.60 6.29 -16.57
C MET D 145 63.42 5.38 -16.85
N ARG D 146 62.61 5.79 -17.84
CA ARG D 146 61.49 5.00 -18.37
C ARG D 146 61.58 5.01 -19.89
N PRO D 147 61.63 3.86 -20.55
CA PRO D 147 61.80 3.87 -22.01
C PRO D 147 60.54 4.38 -22.69
N PRO D 148 60.70 5.27 -23.68
CA PRO D 148 59.53 5.75 -24.42
C PRO D 148 58.77 4.58 -25.02
N TYR D 149 57.43 4.64 -24.94
CA TYR D 149 56.51 3.63 -25.44
C TYR D 149 56.76 2.26 -24.82
N PHE D 150 57.53 2.18 -23.75
CA PHE D 150 57.93 0.90 -23.19
C PHE D 150 58.59 0.02 -24.25
N ASP D 151 59.34 0.65 -25.16
CA ASP D 151 60.02 -0.06 -26.23
C ASP D 151 61.49 -0.26 -25.87
N TYR D 152 61.87 -1.52 -25.65
CA TYR D 152 63.25 -1.79 -25.26
C TYR D 152 63.53 -3.27 -25.46
N ASN D 153 64.79 -3.60 -25.72
CA ASN D 153 65.23 -4.99 -25.77
C ASN D 153 66.51 -5.19 -24.96
N ALA D 154 67.14 -6.36 -25.07
CA ALA D 154 68.33 -6.63 -24.26
C ALA D 154 69.44 -5.63 -24.56
N LYS D 155 69.52 -5.15 -25.80
CA LYS D 155 70.54 -4.19 -26.16
C LYS D 155 70.26 -2.83 -25.52
N THR D 156 69.00 -2.38 -25.55
CA THR D 156 68.64 -1.16 -24.85
C THR D 156 69.01 -1.26 -23.37
N LEU D 157 68.64 -2.37 -22.74
CA LEU D 157 68.90 -2.50 -21.31
C LEU D 157 70.40 -2.53 -21.02
N ALA D 158 71.22 -3.08 -21.92
CA ALA D 158 72.66 -3.09 -21.68
C ALA D 158 73.21 -1.67 -21.60
N VAL D 159 72.74 -0.77 -22.49
CA VAL D 159 73.16 0.62 -22.42
C VAL D 159 72.75 1.26 -21.09
N MET D 160 71.52 1.01 -20.63
CA MET D 160 71.12 1.61 -19.36
C MET D 160 71.96 1.06 -18.21
N LYS D 161 72.37 -0.22 -18.28
CA LYS D 161 73.25 -0.75 -17.25
C LYS D 161 74.62 -0.06 -17.27
N GLU D 162 75.19 0.17 -18.45
CA GLU D 162 76.46 0.87 -18.53
C GLU D 162 76.35 2.30 -17.99
N LEU D 163 75.21 2.96 -18.22
CA LEU D 163 75.01 4.31 -17.71
C LEU D 163 74.58 4.34 -16.25
N GLY D 164 74.26 3.20 -15.64
CA GLY D 164 73.89 3.17 -14.25
C GLY D 164 72.46 3.53 -13.94
N TYR D 165 71.54 3.31 -14.88
CA TYR D 165 70.14 3.71 -14.69
C TYR D 165 69.28 2.57 -14.14
N ARG D 166 68.41 2.91 -13.19
CA ARG D 166 67.26 2.10 -12.89
C ARG D 166 66.23 2.29 -13.99
N VAL D 167 65.67 1.18 -14.48
CA VAL D 167 64.70 1.17 -15.58
C VAL D 167 63.32 0.91 -14.99
N ILE D 168 62.42 1.87 -15.14
CA ILE D 168 61.10 1.82 -14.51
C ILE D 168 60.04 1.55 -15.55
N HIS D 169 59.33 0.44 -15.41
CA HIS D 169 58.16 0.16 -16.24
C HIS D 169 56.90 0.69 -15.53
N ALA D 170 55.82 -0.09 -15.49
CA ALA D 170 54.60 0.29 -14.79
C ALA D 170 53.72 -0.94 -14.65
N ASP D 171 52.79 -0.88 -13.71
CA ASP D 171 51.86 -1.99 -13.56
C ASP D 171 50.41 -1.55 -13.52
N LEU D 172 50.12 -0.24 -13.59
CA LEU D 172 48.77 0.29 -13.74
C LEU D 172 48.79 1.29 -14.90
N ASP D 173 48.22 0.91 -16.03
CA ASP D 173 48.10 1.79 -17.18
C ASP D 173 46.72 2.43 -17.19
N THR D 174 46.66 3.76 -16.97
CA THR D 174 45.39 4.47 -16.99
C THR D 174 44.87 4.71 -18.40
N ASN D 175 45.66 4.43 -19.44
CA ASN D 175 45.24 4.70 -20.82
C ASN D 175 44.78 6.14 -21.00
N ASP D 176 45.36 7.07 -20.22
CA ASP D 176 44.86 8.43 -20.21
C ASP D 176 45.07 9.17 -21.52
N TRP D 177 45.96 8.68 -22.39
CA TRP D 177 46.18 9.32 -23.69
C TRP D 177 45.00 9.12 -24.64
N LYS D 178 44.08 8.21 -24.34
CA LYS D 178 42.89 8.07 -25.17
C LYS D 178 41.83 9.12 -24.87
N PHE D 179 41.95 9.88 -23.78
CA PHE D 179 41.03 10.96 -23.40
C PHE D 179 39.63 10.45 -23.08
N ASP D 180 39.50 9.18 -22.67
CA ASP D 180 38.22 8.63 -22.22
C ASP D 180 38.26 8.62 -20.68
N MET D 181 37.72 9.68 -20.10
CA MET D 181 37.84 9.84 -18.64
C MET D 181 37.04 8.82 -17.84
N PRO D 182 35.80 8.48 -18.21
CA PRO D 182 35.14 7.40 -17.46
C PRO D 182 35.96 6.11 -17.47
N ALA D 183 36.53 5.75 -18.61
CA ALA D 183 37.33 4.53 -18.67
C ALA D 183 38.64 4.66 -17.88
N SER D 184 39.33 5.80 -18.01
CA SER D 184 40.60 5.96 -17.31
C SER D 184 40.40 5.94 -15.79
N ILE D 185 39.39 6.67 -15.30
CA ILE D 185 39.11 6.67 -13.86
C ILE D 185 38.71 5.27 -13.38
N ALA D 186 37.93 4.55 -14.19
CA ALA D 186 37.57 3.18 -13.82
C ALA D 186 38.80 2.29 -13.78
N ALA D 187 39.70 2.43 -14.75
CA ALA D 187 40.93 1.64 -14.72
C ALA D 187 41.77 1.97 -13.49
N PHE D 188 41.84 3.23 -13.10
CA PHE D 188 42.59 3.54 -11.89
C PHE D 188 42.00 2.85 -10.67
N LYS D 189 40.69 3.00 -10.46
CA LYS D 189 40.05 2.44 -9.27
C LYS D 189 40.11 0.92 -9.25
N ALA D 190 40.01 0.28 -10.42
CA ALA D 190 40.04 -1.19 -10.40
C ALA D 190 41.45 -1.73 -10.16
N GLY D 191 42.49 -0.96 -10.52
CA GLY D 191 43.83 -1.49 -10.49
C GLY D 191 44.68 -1.04 -9.32
N VAL D 192 44.20 -0.07 -8.53
CA VAL D 192 45.05 0.54 -7.53
C VAL D 192 45.34 -0.42 -6.36
N ALA D 193 44.45 -1.38 -6.12
CA ALA D 193 44.64 -2.24 -4.94
C ALA D 193 45.93 -3.04 -5.04
N ASN D 194 46.26 -3.55 -6.22
CA ASN D 194 47.39 -4.44 -6.38
C ASN D 194 48.52 -3.87 -7.21
N ASN D 195 48.32 -2.73 -7.88
CA ASN D 195 49.27 -2.17 -8.82
C ASN D 195 49.49 -0.71 -8.44
N ARG D 196 50.74 -0.36 -8.14
CA ARG D 196 51.06 0.90 -7.50
C ARG D 196 52.01 1.81 -8.27
N ILE D 197 52.57 1.38 -9.39
CA ILE D 197 53.36 2.27 -10.25
C ILE D 197 52.43 2.66 -11.38
N VAL D 198 51.85 3.86 -11.27
CA VAL D 198 50.72 4.29 -12.09
C VAL D 198 51.23 5.13 -13.24
N LEU D 199 50.79 4.83 -14.44
CA LEU D 199 51.21 5.53 -15.64
C LEU D 199 50.16 6.56 -16.05
N ALA D 200 50.57 7.82 -16.14
CA ALA D 200 49.75 8.88 -16.71
C ALA D 200 50.68 9.79 -17.52
N HIS D 201 50.09 10.76 -18.22
CA HIS D 201 50.85 11.70 -19.04
C HIS D 201 50.37 13.11 -18.71
N ASP D 202 51.17 13.87 -17.94
CA ASP D 202 50.70 15.17 -17.49
C ASP D 202 50.66 16.22 -18.60
N VAL D 203 51.04 15.88 -19.83
CA VAL D 203 50.97 16.83 -20.92
C VAL D 203 49.57 17.04 -21.45
N HIS D 204 48.61 16.21 -21.05
CA HIS D 204 47.23 16.29 -21.51
C HIS D 204 46.35 17.01 -20.49
N GLU D 205 45.64 18.05 -20.94
CA GLU D 205 44.80 18.83 -20.05
C GLU D 205 43.80 17.95 -19.29
N THR D 206 43.18 16.99 -19.98
CA THR D 206 42.20 16.16 -19.29
C THR D 206 42.84 15.32 -18.18
N THR D 207 44.11 14.89 -18.38
CA THR D 207 44.77 14.12 -17.32
C THR D 207 44.94 14.94 -16.05
N VAL D 208 45.30 16.22 -16.19
CA VAL D 208 45.59 17.04 -15.03
C VAL D 208 44.30 17.59 -14.42
N LYS D 209 43.32 17.92 -15.25
CA LYS D 209 42.10 18.53 -14.73
C LYS D 209 41.05 17.50 -14.29
N THR D 210 41.03 16.32 -14.89
CA THR D 210 40.00 15.35 -14.55
C THR D 210 40.55 14.09 -13.92
N LEU D 211 41.53 13.45 -14.55
CA LEU D 211 42.05 12.20 -14.04
C LEU D 211 42.78 12.39 -12.72
N LEU D 212 43.68 13.37 -12.66
CA LEU D 212 44.48 13.55 -11.47
C LEU D 212 43.66 13.85 -10.21
N PRO D 213 42.65 14.74 -10.23
CA PRO D 213 41.86 14.92 -9.00
C PRO D 213 41.21 13.64 -8.53
N ALA D 214 40.72 12.80 -9.47
CA ALA D 214 40.12 11.53 -9.08
C ALA D 214 41.16 10.57 -8.50
N MET D 215 42.37 10.51 -9.08
CA MET D 215 43.39 9.65 -8.49
C MET D 215 43.74 10.10 -7.08
N ILE D 216 43.93 11.41 -6.88
CA ILE D 216 44.26 11.93 -5.56
C ILE D 216 43.15 11.62 -4.56
N LYS D 217 41.90 11.79 -4.99
CA LYS D 217 40.79 11.56 -4.07
C LYS D 217 40.73 10.09 -3.66
N GLU D 218 40.90 9.18 -4.61
CA GLU D 218 40.86 7.75 -4.31
C GLU D 218 42.06 7.32 -3.46
N VAL D 219 43.24 7.90 -3.72
CA VAL D 219 44.39 7.61 -2.87
C VAL D 219 44.12 8.07 -1.43
N GLN D 220 43.52 9.26 -1.26
CA GLN D 220 43.18 9.70 0.09
C GLN D 220 42.16 8.76 0.74
N ARG D 221 41.17 8.30 -0.03
CA ARG D 221 40.16 7.40 0.51
C ARG D 221 40.76 6.09 0.98
N LEU D 222 41.75 5.56 0.23
CA LEU D 222 42.39 4.30 0.59
C LEU D 222 43.54 4.48 1.60
N LYS D 223 43.83 5.72 2.00
CA LYS D 223 44.90 5.98 2.99
C LYS D 223 46.27 5.49 2.51
N LEU D 224 46.52 5.61 1.21
CA LEU D 224 47.80 5.21 0.68
C LEU D 224 48.77 6.38 0.74
N LYS D 225 50.05 6.07 0.84
CA LYS D 225 51.10 7.08 0.90
C LYS D 225 51.62 7.30 -0.51
N ALA D 226 51.30 8.46 -1.08
CA ALA D 226 51.68 8.79 -2.45
C ALA D 226 53.10 9.34 -2.44
N VAL D 227 54.07 8.51 -2.85
CA VAL D 227 55.49 8.85 -2.79
C VAL D 227 56.11 8.79 -4.18
N THR D 228 57.43 9.01 -4.26
CA THR D 228 58.13 8.86 -5.53
C THR D 228 58.37 7.36 -5.81
N VAL D 229 58.78 7.05 -7.04
CA VAL D 229 59.08 5.66 -7.40
C VAL D 229 60.23 5.14 -6.54
N GLY D 230 61.24 5.99 -6.31
CA GLY D 230 62.36 5.60 -5.48
C GLY D 230 61.92 5.17 -4.09
N GLU D 231 61.12 6.02 -3.41
CA GLU D 231 60.65 5.64 -2.07
C GLU D 231 59.90 4.31 -2.10
N CYS D 232 58.97 4.15 -3.06
CA CYS D 232 58.21 2.92 -3.10
C CYS D 232 59.06 1.71 -3.46
N LEU D 233 60.28 1.93 -3.96
CA LEU D 233 61.23 0.86 -4.18
C LEU D 233 62.26 0.76 -3.06
N GLY D 234 62.16 1.61 -2.04
CA GLY D 234 63.08 1.53 -0.94
C GLY D 234 64.39 2.27 -1.15
N GLU D 235 64.48 3.12 -2.15
CA GLU D 235 65.72 3.84 -2.45
C GLU D 235 65.50 5.32 -2.20
N PRO D 236 66.16 5.91 -1.21
CA PRO D 236 65.87 7.30 -0.83
C PRO D 236 66.57 8.28 -1.77
N TYR D 237 66.32 9.56 -1.48
CA TYR D 237 66.67 10.67 -2.35
C TYR D 237 68.16 10.70 -2.74
N ALA D 238 69.04 10.29 -1.83
CA ALA D 238 70.46 10.40 -2.11
C ALA D 238 70.90 9.62 -3.34
N TYR D 239 70.06 8.72 -3.84
CA TYR D 239 70.42 7.88 -4.98
C TYR D 239 69.69 8.21 -6.27
N TRP D 240 68.86 9.26 -6.28
CA TRP D 240 68.06 9.56 -7.46
C TRP D 240 68.79 10.39 -8.51
N TYR D 241 69.89 11.07 -8.16
CA TYR D 241 70.54 11.99 -9.06
C TYR D 241 72.05 11.82 -8.98
N ARG D 242 72.70 12.36 -10.00
CA ARG D 242 74.14 12.52 -10.02
C ARG D 242 74.44 13.98 -10.30
N VAL D 243 75.62 14.46 -9.87
CA VAL D 243 76.00 15.86 -10.08
C VAL D 243 77.25 15.98 -10.94
N THR D 244 78.30 15.23 -10.60
CA THR D 244 79.54 15.32 -11.35
C THR D 244 79.33 14.82 -12.77
N PRO D 245 79.70 15.60 -13.79
CA PRO D 245 79.56 15.15 -15.19
C PRO D 245 80.38 13.90 -15.45
N ARG D 246 79.98 13.17 -16.49
CA ARG D 246 80.64 11.90 -16.84
C ARG D 246 82.08 12.06 -17.27
N LEU E 35 -47.73 16.64 26.56
CA LEU E 35 -48.02 17.16 27.91
C LEU E 35 -47.25 18.46 28.25
N PRO E 36 -47.91 19.39 28.91
CA PRO E 36 -47.23 20.63 29.29
C PRO E 36 -46.45 20.48 30.59
N ASN E 37 -45.40 21.28 30.70
CA ASN E 37 -44.66 21.36 31.94
C ASN E 37 -45.16 22.55 32.75
N GLY E 38 -45.05 22.43 34.07
CA GLY E 38 -45.45 23.54 34.91
C GLY E 38 -46.92 23.89 34.80
N VAL E 39 -47.79 22.91 34.54
CA VAL E 39 -49.24 23.08 34.50
C VAL E 39 -49.85 21.95 35.31
N ALA E 40 -50.59 22.30 36.36
CA ALA E 40 -51.17 21.27 37.21
C ALA E 40 -52.08 20.39 36.38
N ILE E 41 -51.88 19.07 36.47
CA ILE E 41 -52.68 18.09 35.76
C ILE E 41 -53.52 17.35 36.78
N PHE E 42 -54.83 17.25 36.51
CA PHE E 42 -55.81 16.72 37.46
C PHE E 42 -56.41 15.38 37.06
N LYS E 43 -56.50 15.07 35.77
CA LYS E 43 -57.27 13.92 35.31
C LYS E 43 -56.45 13.03 34.42
N CYS E 44 -56.68 11.71 34.53
CA CYS E 44 -56.22 10.78 33.50
C CYS E 44 -56.97 11.07 32.20
N THR E 45 -56.34 10.77 31.07
CA THR E 45 -57.00 10.93 29.78
C THR E 45 -57.10 9.64 28.99
N VAL E 46 -56.36 8.59 29.34
CA VAL E 46 -56.42 7.34 28.59
C VAL E 46 -57.57 6.48 29.13
N PRO E 47 -58.45 6.00 28.26
CA PRO E 47 -59.65 5.30 28.75
C PRO E 47 -59.32 4.00 29.48
N ASN E 48 -60.14 3.68 30.47
CA ASN E 48 -60.09 2.44 31.23
C ASN E 48 -58.89 2.35 32.17
N THR E 49 -58.18 3.46 32.42
CA THR E 49 -56.99 3.45 33.26
C THR E 49 -57.29 4.10 34.61
N ILE E 50 -56.56 3.65 35.62
CA ILE E 50 -56.55 4.28 36.93
C ILE E 50 -55.10 4.41 37.38
N ALA E 51 -54.80 5.49 38.12
CA ALA E 51 -53.46 5.77 38.63
C ALA E 51 -53.51 5.82 40.15
N LEU E 52 -53.16 4.72 40.81
CA LEU E 52 -53.01 4.74 42.25
C LEU E 52 -51.68 5.40 42.58
N THR E 53 -51.73 6.52 43.32
CA THR E 53 -50.54 7.30 43.64
C THR E 53 -50.33 7.41 45.15
N PHE E 54 -49.08 7.52 45.57
CA PHE E 54 -48.75 7.46 46.98
C PHE E 54 -47.71 8.53 47.33
N ASP E 55 -48.02 9.37 48.30
CA ASP E 55 -47.17 10.49 48.65
C ASP E 55 -46.42 10.20 49.93
N ASP E 56 -45.27 10.87 50.09
CA ASP E 56 -44.52 11.08 51.33
C ASP E 56 -43.56 9.94 51.71
N GLY E 57 -43.40 8.90 50.92
CA GLY E 57 -42.45 7.86 51.26
C GLY E 57 -41.03 8.16 50.80
N PRO E 58 -40.17 7.13 50.78
CA PRO E 58 -40.47 5.76 51.17
C PRO E 58 -40.45 5.60 52.68
N HIS E 59 -41.14 4.59 53.19
CA HIS E 59 -41.22 4.33 54.63
C HIS E 59 -41.43 2.83 54.80
N ILE E 60 -41.72 2.40 56.02
CA ILE E 60 -41.60 0.97 56.32
C ILE E 60 -42.72 0.12 55.74
N TRP E 61 -43.80 0.73 55.23
CA TRP E 61 -44.90 -0.02 54.62
C TRP E 61 -44.85 0.00 53.10
N THR E 62 -43.91 0.73 52.50
CA THR E 62 -43.94 0.94 51.06
C THR E 62 -43.65 -0.34 50.28
N GLU E 63 -42.66 -1.12 50.74
CA GLU E 63 -42.36 -2.39 50.08
C GLU E 63 -43.58 -3.30 50.06
N ASN E 64 -44.32 -3.33 51.17
CA ASN E 64 -45.57 -4.08 51.24
C ASN E 64 -46.54 -3.63 50.15
N ALA E 65 -46.71 -2.31 50.00
CA ALA E 65 -47.63 -1.82 48.96
C ALA E 65 -47.18 -2.28 47.59
N VAL E 66 -45.88 -2.19 47.30
CA VAL E 66 -45.39 -2.58 45.99
C VAL E 66 -45.60 -4.07 45.77
N ASN E 67 -45.39 -4.88 46.81
CA ASN E 67 -45.66 -6.32 46.74
C ASN E 67 -47.13 -6.59 46.40
N GLN E 68 -48.05 -5.85 47.02
CA GLN E 68 -49.46 -6.07 46.75
C GLN E 68 -49.80 -5.72 45.30
N LEU E 69 -49.29 -4.58 44.84
CA LEU E 69 -49.61 -4.14 43.50
C LEU E 69 -49.10 -5.13 42.47
N GLU E 70 -47.87 -5.63 42.66
CA GLU E 70 -47.27 -6.51 41.67
C GLU E 70 -47.98 -7.87 41.65
N ALA E 71 -48.44 -8.36 42.80
CA ALA E 71 -49.19 -9.59 42.84
C ALA E 71 -50.50 -9.50 42.06
N ALA E 72 -51.01 -8.30 41.85
CA ALA E 72 -52.25 -8.07 41.13
C ALA E 72 -52.02 -7.54 39.74
N GLY E 73 -50.77 -7.54 39.27
CA GLY E 73 -50.49 -7.07 37.94
C GLY E 73 -50.63 -5.57 37.79
N MET E 74 -50.48 -4.83 38.88
CA MET E 74 -50.73 -3.40 38.92
C MET E 74 -49.44 -2.59 39.13
N LYS E 75 -49.48 -1.34 38.70
CA LYS E 75 -48.36 -0.41 38.89
C LYS E 75 -48.80 0.71 39.82
N GLY E 76 -47.84 1.27 40.54
CA GLY E 76 -48.09 2.44 41.35
C GLY E 76 -47.25 3.63 40.95
N THR E 77 -47.69 4.82 41.38
CA THR E 77 -46.91 6.03 41.23
C THR E 77 -46.60 6.53 42.63
N PHE E 78 -45.31 6.72 42.93
CA PHE E 78 -44.86 7.07 44.28
C PHE E 78 -44.16 8.42 44.25
N PHE E 79 -44.75 9.40 44.89
CA PHE E 79 -44.17 10.74 44.97
C PHE E 79 -43.37 10.83 46.27
N LEU E 80 -42.04 10.79 46.14
CA LEU E 80 -41.15 10.56 47.27
C LEU E 80 -40.52 11.84 47.80
N ASN E 81 -40.11 11.80 49.06
CA ASN E 81 -39.28 12.85 49.64
C ASN E 81 -37.85 12.33 49.79
N GLY E 82 -36.92 13.26 49.93
CA GLY E 82 -35.56 12.88 50.29
C GLY E 82 -35.48 12.50 51.75
N LYS E 83 -36.03 13.35 52.61
CA LYS E 83 -36.07 13.10 54.05
C LYS E 83 -37.41 13.56 54.56
N ASN E 84 -38.22 12.64 55.06
CA ASN E 84 -39.48 13.00 55.69
C ASN E 84 -39.82 11.97 56.75
N PHE E 85 -40.54 10.90 56.37
CA PHE E 85 -40.74 9.78 57.27
C PHE E 85 -39.55 8.84 57.25
N GLY E 86 -39.12 8.43 56.06
CA GLY E 86 -37.89 7.69 55.93
C GLY E 86 -36.91 8.53 55.14
N GLU E 87 -35.77 7.95 54.77
CA GLU E 87 -34.80 8.58 53.88
C GLU E 87 -34.52 7.67 52.70
N LEU E 88 -34.41 8.25 51.50
CA LEU E 88 -34.16 7.48 50.29
C LEU E 88 -33.04 6.46 50.47
N LYS E 89 -31.94 6.86 51.12
CA LYS E 89 -30.76 6.02 51.20
C LYS E 89 -30.98 4.72 51.98
N ASN E 90 -32.07 4.60 52.72
CA ASN E 90 -32.34 3.34 53.41
C ASN E 90 -33.24 2.40 52.61
N TYR E 91 -33.59 2.75 51.36
CA TYR E 91 -34.54 1.95 50.59
C TYR E 91 -34.06 1.71 49.17
N VAL E 92 -32.75 1.59 49.00
CA VAL E 92 -32.17 1.50 47.66
C VAL E 92 -32.71 0.30 46.88
N PRO E 93 -32.70 -0.93 47.41
CA PRO E 93 -33.27 -2.04 46.62
C PRO E 93 -34.73 -1.78 46.23
N LEU E 94 -35.54 -1.25 47.16
CA LEU E 94 -36.93 -0.95 46.82
C LEU E 94 -37.03 0.12 45.74
N LEU E 95 -36.23 1.19 45.82
CA LEU E 95 -36.27 2.20 44.77
C LEU E 95 -35.84 1.63 43.42
N LYS E 96 -34.84 0.75 43.42
CA LYS E 96 -34.38 0.17 42.16
C LYS E 96 -35.47 -0.69 41.53
N ARG E 97 -36.19 -1.43 42.36
CA ARG E 97 -37.28 -2.26 41.85
C ARG E 97 -38.43 -1.40 41.35
N MET E 98 -38.75 -0.30 42.05
CA MET E 98 -39.75 0.63 41.56
C MET E 98 -39.40 1.11 40.16
N ARG E 99 -38.13 1.43 39.93
CA ARG E 99 -37.73 1.96 38.65
C ARG E 99 -37.74 0.87 37.57
N ALA E 100 -37.10 -0.27 37.85
CA ALA E 100 -36.94 -1.28 36.80
C ALA E 100 -38.26 -1.98 36.46
N ASN E 101 -39.11 -2.23 37.46
CA ASN E 101 -40.39 -2.90 37.22
C ASN E 101 -41.47 -1.96 36.69
N ARG E 102 -41.10 -0.75 36.28
CA ARG E 102 -42.00 0.16 35.59
C ARG E 102 -43.15 0.63 36.46
N HIS E 103 -42.93 0.75 37.76
CA HIS E 103 -43.70 1.72 38.53
C HIS E 103 -43.20 3.11 38.15
N GLN E 104 -43.73 4.15 38.78
CA GLN E 104 -43.24 5.49 38.50
C GLN E 104 -42.83 6.15 39.79
N ILE E 105 -41.58 6.62 39.83
CA ILE E 105 -41.10 7.50 40.89
C ILE E 105 -41.24 8.94 40.43
N GLY E 106 -41.95 9.75 41.21
CA GLY E 106 -42.00 11.17 41.00
C GLY E 106 -41.37 11.89 42.19
N SER E 107 -41.15 13.18 42.03
CA SER E 107 -40.58 13.96 43.11
C SER E 107 -41.66 14.62 43.96
N HIS E 108 -41.48 14.55 45.29
CA HIS E 108 -42.33 15.28 46.21
C HIS E 108 -41.53 16.34 46.98
N THR E 109 -40.38 16.75 46.42
CA THR E 109 -39.38 17.66 46.98
C THR E 109 -38.47 17.00 48.02
N TRP E 110 -37.39 17.70 48.38
CA TRP E 110 -36.40 17.12 49.28
C TRP E 110 -36.97 16.84 50.67
N ASP E 111 -37.54 17.87 51.34
CA ASP E 111 -38.02 17.60 52.70
C ASP E 111 -39.39 18.21 53.02
N HIS E 112 -40.25 18.37 52.01
CA HIS E 112 -41.68 18.59 52.17
C HIS E 112 -42.09 19.92 52.81
N PRO E 113 -41.61 21.06 52.31
CA PRO E 113 -42.10 22.34 52.80
C PRO E 113 -43.30 22.82 51.98
N TYR E 114 -43.90 23.91 52.46
CA TYR E 114 -44.90 24.64 51.67
C TYR E 114 -44.16 25.43 50.60
N LEU E 115 -44.27 25.00 49.33
CA LEU E 115 -43.41 25.58 48.30
C LEU E 115 -43.71 27.05 48.01
N THR E 116 -44.91 27.55 48.34
CA THR E 116 -45.18 28.97 48.11
C THR E 116 -44.46 29.87 49.11
N GLN E 117 -43.93 29.33 50.20
CA GLN E 117 -43.20 30.12 51.19
C GLN E 117 -41.69 30.12 50.95
N LEU E 118 -41.24 29.63 49.82
CA LEU E 118 -39.83 29.62 49.49
C LEU E 118 -39.58 30.53 48.29
N SER E 119 -38.37 31.07 48.22
CA SER E 119 -37.96 31.83 47.06
C SER E 119 -37.84 30.92 45.85
N ASP E 120 -37.77 31.53 44.66
CA ASP E 120 -37.62 30.74 43.45
C ASP E 120 -36.36 29.87 43.51
N ALA E 121 -35.27 30.39 44.06
CA ALA E 121 -34.03 29.62 44.17
C ALA E 121 -34.17 28.44 45.13
N ALA E 122 -34.84 28.64 46.28
CA ALA E 122 -34.98 27.55 47.23
C ALA E 122 -36.00 26.51 46.75
N VAL E 123 -37.02 26.93 45.98
CA VAL E 123 -37.90 25.96 45.34
C VAL E 123 -37.10 25.09 44.39
N ARG E 124 -36.31 25.72 43.53
CA ARG E 124 -35.47 24.98 42.59
C ARG E 124 -34.55 24.02 43.33
N LYS E 125 -33.99 24.46 44.46
CA LYS E 125 -33.07 23.58 45.18
C LYS E 125 -33.82 22.44 45.89
N GLN E 126 -35.08 22.66 46.29
CA GLN E 126 -35.86 21.54 46.82
C GLN E 126 -36.01 20.44 45.79
N MET E 127 -36.01 20.81 44.50
CA MET E 127 -36.14 19.83 43.43
C MET E 127 -34.79 19.19 43.09
N THR E 128 -33.75 20.02 42.86
CA THR E 128 -32.46 19.46 42.44
C THR E 128 -31.81 18.65 43.55
N ASP E 129 -32.04 18.99 44.83
CA ASP E 129 -31.48 18.17 45.91
C ASP E 129 -32.04 16.78 45.84
N PHE E 130 -33.34 16.64 45.56
CA PHE E 130 -33.94 15.32 45.42
C PHE E 130 -33.36 14.60 44.21
N GLU E 131 -33.29 15.29 43.06
CA GLU E 131 -32.72 14.70 41.85
C GLU E 131 -31.33 14.13 42.12
N ASN E 132 -30.43 14.92 42.70
CA ASN E 132 -29.06 14.44 42.87
C ASN E 132 -29.04 13.19 43.75
N GLU E 133 -29.89 13.12 44.77
CA GLU E 133 -29.83 11.99 45.67
C GLU E 133 -30.47 10.75 45.05
N LEU E 134 -31.56 10.91 44.30
CA LEU E 134 -32.12 9.74 43.62
C LEU E 134 -31.16 9.23 42.56
N ARG E 135 -30.45 10.15 41.88
CA ARG E 135 -29.51 9.76 40.83
C ARG E 135 -28.32 9.00 41.41
N ARG E 136 -27.81 9.46 42.56
CA ARG E 136 -26.69 8.77 43.19
C ARG E 136 -27.07 7.35 43.63
N LEU E 137 -28.34 7.13 44.00
CA LEU E 137 -28.73 5.84 44.54
C LEU E 137 -29.17 4.84 43.48
N ILE E 138 -29.92 5.27 42.46
CA ILE E 138 -30.51 4.33 41.51
C ILE E 138 -30.17 4.68 40.07
N GLY E 139 -29.59 5.85 39.85
CA GLY E 139 -29.08 6.22 38.54
C GLY E 139 -29.97 7.18 37.77
N TYR E 140 -31.21 7.40 38.22
CA TYR E 140 -32.21 8.21 37.55
C TYR E 140 -32.74 9.33 38.45
N TYR E 141 -33.27 10.38 37.82
CA TYR E 141 -34.08 11.30 38.59
C TYR E 141 -35.37 11.62 37.82
N PRO E 142 -36.44 11.96 38.51
CA PRO E 142 -37.74 12.02 37.85
C PRO E 142 -37.98 13.34 37.14
N THR E 143 -38.96 13.28 36.22
CA THR E 143 -39.48 14.45 35.54
C THR E 143 -40.91 14.77 35.92
N TYR E 144 -41.51 13.99 36.82
CA TYR E 144 -42.85 14.23 37.35
C TYR E 144 -42.71 14.62 38.81
N MET E 145 -43.51 15.59 39.25
CA MET E 145 -43.51 15.94 40.67
C MET E 145 -44.93 16.25 41.12
N ARG E 146 -45.13 16.21 42.43
CA ARG E 146 -46.37 16.62 43.07
C ARG E 146 -46.04 17.57 44.21
N PRO E 147 -46.62 18.76 44.25
CA PRO E 147 -46.25 19.74 45.27
C PRO E 147 -46.73 19.30 46.65
N PRO E 148 -45.89 19.42 47.68
CA PRO E 148 -46.37 19.11 49.03
C PRO E 148 -47.59 19.95 49.38
N TYR E 149 -48.54 19.32 50.08
CA TYR E 149 -49.79 19.93 50.52
C TYR E 149 -50.59 20.55 49.37
N PHE E 150 -50.26 20.23 48.13
CA PHE E 150 -50.90 20.85 46.98
C PHE E 150 -50.81 22.38 47.07
N ASP E 151 -49.71 22.86 47.64
CA ASP E 151 -49.42 24.28 47.82
C ASP E 151 -48.52 24.74 46.69
N TYR E 152 -49.03 25.62 45.84
CA TYR E 152 -48.24 26.11 44.73
C TYR E 152 -48.94 27.33 44.16
N ASN E 153 -48.15 28.22 43.56
CA ASN E 153 -48.73 29.34 42.83
C ASN E 153 -48.05 29.46 41.46
N ALA E 154 -48.33 30.54 40.72
CA ALA E 154 -47.75 30.70 39.39
C ALA E 154 -46.24 30.68 39.44
N LYS E 155 -45.66 31.18 40.54
CA LYS E 155 -44.20 31.21 40.68
C LYS E 155 -43.62 29.81 40.89
N THR E 156 -44.25 28.99 41.75
CA THR E 156 -43.85 27.59 41.89
C THR E 156 -43.90 26.87 40.55
N LEU E 157 -44.99 27.04 39.79
CA LEU E 157 -45.14 26.35 38.52
C LEU E 157 -44.12 26.82 37.50
N ALA E 158 -43.76 28.11 37.52
CA ALA E 158 -42.75 28.60 36.58
C ALA E 158 -41.41 27.93 36.84
N VAL E 159 -41.05 27.72 38.11
CA VAL E 159 -39.81 26.99 38.39
C VAL E 159 -39.91 25.56 37.86
N MET E 160 -41.07 24.92 38.03
CA MET E 160 -41.24 23.55 37.55
C MET E 160 -41.15 23.51 36.03
N LYS E 161 -41.66 24.54 35.34
CA LYS E 161 -41.55 24.56 33.89
C LYS E 161 -40.09 24.70 33.45
N GLU E 162 -39.34 25.61 34.08
CA GLU E 162 -37.92 25.76 33.75
C GLU E 162 -37.16 24.46 34.02
N LEU E 163 -37.55 23.73 35.06
CA LEU E 163 -36.92 22.45 35.32
C LEU E 163 -37.45 21.33 34.43
N GLY E 164 -38.50 21.60 33.66
CA GLY E 164 -39.04 20.57 32.77
C GLY E 164 -39.92 19.53 33.43
N TYR E 165 -40.61 19.87 34.51
CA TYR E 165 -41.43 18.91 35.26
C TYR E 165 -42.88 18.96 34.83
N ARG E 166 -43.48 17.77 34.73
CA ARG E 166 -44.92 17.61 34.77
C ARG E 166 -45.36 17.77 36.21
N VAL E 167 -46.38 18.59 36.43
CA VAL E 167 -46.88 18.84 37.78
C VAL E 167 -48.22 18.12 37.93
N ILE E 168 -48.27 17.17 38.86
CA ILE E 168 -49.42 16.29 39.02
C ILE E 168 -50.17 16.65 40.29
N HIS E 169 -51.45 17.02 40.15
CA HIS E 169 -52.36 17.19 41.28
C HIS E 169 -53.03 15.85 41.57
N ALA E 170 -54.36 15.84 41.73
CA ALA E 170 -55.13 14.61 41.94
C ALA E 170 -56.61 14.94 41.80
N ASP E 171 -57.43 13.92 41.59
CA ASP E 171 -58.87 14.15 41.56
C ASP E 171 -59.69 13.19 42.43
N LEU E 172 -59.08 12.22 43.09
CA LEU E 172 -59.79 11.39 44.06
C LEU E 172 -58.98 11.40 45.35
N ASP E 173 -59.43 12.15 46.34
CA ASP E 173 -58.75 12.22 47.62
C ASP E 173 -59.40 11.20 48.56
N THR E 174 -58.65 10.16 48.91
CA THR E 174 -59.20 9.12 49.79
C THR E 174 -59.26 9.54 51.25
N ASN E 175 -58.70 10.70 51.60
CA ASN E 175 -58.67 11.21 52.98
C ASN E 175 -58.08 10.19 53.95
N ASP E 176 -57.10 9.41 53.48
CA ASP E 176 -56.58 8.33 54.29
C ASP E 176 -55.85 8.82 55.52
N TRP E 177 -55.47 10.10 55.57
CA TRP E 177 -54.80 10.64 56.75
C TRP E 177 -55.72 10.82 57.94
N LYS E 178 -57.05 10.74 57.76
CA LYS E 178 -57.97 10.79 58.89
C LYS E 178 -58.07 9.46 59.62
N PHE E 179 -57.55 8.37 59.04
CA PHE E 179 -57.52 7.03 59.65
C PHE E 179 -58.92 6.42 59.83
N ASP E 180 -59.89 6.86 59.04
CA ASP E 180 -61.22 6.26 59.01
C ASP E 180 -61.27 5.35 57.79
N MET E 181 -60.95 4.07 57.98
CA MET E 181 -60.81 3.20 56.82
C MET E 181 -62.15 2.89 56.15
N PRO E 182 -63.24 2.64 56.88
CA PRO E 182 -64.53 2.51 56.18
C PRO E 182 -64.88 3.74 55.37
N ALA E 183 -64.61 4.94 55.88
CA ALA E 183 -64.92 6.16 55.12
C ALA E 183 -64.05 6.28 53.87
N SER E 184 -62.75 5.97 53.98
CA SER E 184 -61.86 6.07 52.82
C SER E 184 -62.27 5.10 51.70
N ILE E 185 -62.55 3.84 52.06
CA ILE E 185 -62.97 2.86 51.06
C ILE E 185 -64.28 3.29 50.40
N ALA E 186 -65.20 3.86 51.20
CA ALA E 186 -66.44 4.34 50.60
C ALA E 186 -66.16 5.54 49.68
N ALA E 187 -65.26 6.44 50.09
CA ALA E 187 -64.89 7.58 49.25
C ALA E 187 -64.22 7.13 47.97
N PHE E 188 -63.35 6.10 48.05
CA PHE E 188 -62.77 5.56 46.84
C PHE E 188 -63.86 5.05 45.90
N LYS E 189 -64.78 4.23 46.42
CA LYS E 189 -65.80 3.61 45.58
C LYS E 189 -66.74 4.64 44.95
N ALA E 190 -67.05 5.72 45.67
CA ALA E 190 -67.95 6.72 45.10
C ALA E 190 -67.27 7.52 44.01
N GLY E 191 -65.93 7.63 44.07
CA GLY E 191 -65.26 8.50 43.13
C GLY E 191 -64.55 7.81 41.99
N VAL E 192 -64.42 6.47 42.01
CA VAL E 192 -63.54 5.82 41.05
C VAL E 192 -64.08 5.94 39.64
N ALA E 193 -65.41 5.98 39.48
CA ALA E 193 -65.96 5.97 38.14
C ALA E 193 -65.49 7.17 37.33
N ASN E 194 -65.38 8.34 37.96
CA ASN E 194 -65.09 9.59 37.27
C ASN E 194 -63.75 10.22 37.63
N ASN E 195 -63.05 9.73 38.66
CA ASN E 195 -61.82 10.36 39.14
C ASN E 195 -60.76 9.27 39.24
N ARG E 196 -59.68 9.42 38.46
CA ARG E 196 -58.73 8.32 38.28
C ARG E 196 -57.31 8.57 38.78
N ILE E 197 -56.99 9.76 39.27
CA ILE E 197 -55.69 10.05 39.86
C ILE E 197 -55.91 10.02 41.37
N VAL E 198 -55.58 8.89 42.00
CA VAL E 198 -56.01 8.59 43.36
C VAL E 198 -54.91 8.96 44.35
N LEU E 199 -55.27 9.76 45.35
CA LEU E 199 -54.29 10.26 46.32
C LEU E 199 -54.37 9.44 47.59
N ALA E 200 -53.25 8.81 47.94
CA ALA E 200 -53.13 8.16 49.23
C ALA E 200 -51.72 8.42 49.78
N HIS E 201 -51.48 7.97 50.99
CA HIS E 201 -50.20 8.20 51.65
C HIS E 201 -49.73 6.84 52.17
N ASP E 202 -48.76 6.24 51.48
CA ASP E 202 -48.33 4.91 51.86
C ASP E 202 -47.49 4.91 53.13
N VAL E 203 -47.26 6.07 53.73
CA VAL E 203 -46.53 6.11 55.00
C VAL E 203 -47.38 5.66 56.18
N HIS E 204 -48.71 5.56 56.00
CA HIS E 204 -49.62 5.14 57.07
C HIS E 204 -49.87 3.64 56.99
N GLU E 205 -49.63 2.93 58.10
CA GLU E 205 -49.81 1.49 58.10
C GLU E 205 -51.22 1.11 57.65
N THR E 206 -52.23 1.80 58.17
CA THR E 206 -53.59 1.47 57.78
C THR E 206 -53.81 1.69 56.30
N THR E 207 -53.11 2.66 55.69
CA THR E 207 -53.30 2.86 54.25
C THR E 207 -52.86 1.63 53.46
N VAL E 208 -51.76 1.01 53.87
CA VAL E 208 -51.23 -0.12 53.10
C VAL E 208 -51.95 -1.42 53.48
N LYS E 209 -52.28 -1.61 54.74
CA LYS E 209 -52.83 -2.89 55.17
C LYS E 209 -54.35 -2.98 54.99
N THR E 210 -55.07 -1.86 55.03
CA THR E 210 -56.52 -1.90 54.91
C THR E 210 -57.05 -1.22 53.67
N LEU E 211 -56.71 0.04 53.42
CA LEU E 211 -57.30 0.74 52.29
C LEU E 211 -56.82 0.14 50.97
N LEU E 212 -55.50 -0.01 50.81
CA LEU E 212 -54.97 -0.43 49.51
C LEU E 212 -55.50 -1.79 49.05
N PRO E 213 -55.61 -2.83 49.89
CA PRO E 213 -56.24 -4.07 49.43
C PRO E 213 -57.66 -3.87 48.95
N ALA E 214 -58.44 -2.99 49.59
CA ALA E 214 -59.78 -2.69 49.09
C ALA E 214 -59.71 -1.98 47.74
N MET E 215 -58.76 -1.07 47.57
CA MET E 215 -58.64 -0.40 46.28
C MET E 215 -58.32 -1.40 45.18
N ILE E 216 -57.37 -2.31 45.45
CA ILE E 216 -57.00 -3.31 44.45
C ILE E 216 -58.22 -4.13 44.06
N LYS E 217 -59.03 -4.52 45.05
CA LYS E 217 -60.18 -5.35 44.79
C LYS E 217 -61.19 -4.63 43.89
N GLU E 218 -61.51 -3.38 44.23
CA GLU E 218 -62.50 -2.65 43.45
C GLU E 218 -62.00 -2.38 42.04
N VAL E 219 -60.70 -2.15 41.88
CA VAL E 219 -60.17 -1.94 40.54
C VAL E 219 -60.34 -3.20 39.70
N GLN E 220 -59.99 -4.37 40.26
CA GLN E 220 -60.18 -5.59 39.47
C GLN E 220 -61.66 -5.88 39.23
N ARG E 221 -62.51 -5.55 40.21
CA ARG E 221 -63.95 -5.75 39.98
C ARG E 221 -64.46 -4.90 38.81
N LEU E 222 -63.95 -3.68 38.65
CA LEU E 222 -64.36 -2.82 37.55
C LEU E 222 -63.59 -3.04 36.25
N LYS E 223 -62.64 -4.00 36.24
CA LYS E 223 -61.82 -4.31 35.07
C LYS E 223 -60.98 -3.12 34.63
N LEU E 224 -60.50 -2.33 35.58
CA LEU E 224 -59.69 -1.18 35.23
C LEU E 224 -58.21 -1.54 35.12
N LYS E 225 -57.50 -0.75 34.34
CA LYS E 225 -56.06 -0.91 34.12
C LYS E 225 -55.31 -0.01 35.12
N ALA E 226 -54.73 -0.61 36.16
CA ALA E 226 -54.00 0.18 37.16
C ALA E 226 -52.59 0.42 36.66
N VAL E 227 -52.35 1.63 36.16
CA VAL E 227 -51.09 1.98 35.53
C VAL E 227 -50.44 3.15 36.26
N THR E 228 -49.29 3.62 35.74
CA THR E 228 -48.63 4.78 36.28
C THR E 228 -49.32 6.06 35.81
N VAL E 229 -49.00 7.17 36.47
CA VAL E 229 -49.60 8.44 36.10
C VAL E 229 -49.24 8.77 34.65
N GLY E 230 -47.99 8.52 34.26
CA GLY E 230 -47.57 8.76 32.89
C GLY E 230 -48.40 7.99 31.88
N GLU E 231 -48.55 6.68 32.09
CA GLU E 231 -49.37 5.89 31.20
C GLU E 231 -50.77 6.44 31.12
N CYS E 232 -51.36 6.76 32.28
CA CYS E 232 -52.73 7.24 32.31
C CYS E 232 -52.88 8.60 31.65
N LEU E 233 -51.77 9.30 31.40
CA LEU E 233 -51.78 10.53 30.62
C LEU E 233 -51.27 10.36 29.20
N GLY E 234 -50.94 9.13 28.78
CA GLY E 234 -50.46 8.92 27.43
C GLY E 234 -48.97 9.13 27.23
N GLU E 235 -48.19 9.15 28.31
CA GLU E 235 -46.76 9.38 28.22
C GLU E 235 -45.99 8.14 28.68
N PRO E 236 -45.21 7.51 27.81
CA PRO E 236 -44.56 6.23 28.16
C PRO E 236 -43.30 6.44 28.98
N TYR E 237 -42.69 5.31 29.35
CA TYR E 237 -41.57 5.29 30.31
C TYR E 237 -40.41 6.20 29.90
N ALA E 238 -40.11 6.32 28.62
CA ALA E 238 -38.94 7.08 28.20
C ALA E 238 -38.98 8.55 28.64
N TYR E 239 -40.13 9.05 29.09
CA TYR E 239 -40.26 10.44 29.48
C TYR E 239 -40.38 10.63 30.98
N TRP E 240 -40.28 9.56 31.77
CA TRP E 240 -40.46 9.69 33.22
C TRP E 240 -39.18 10.07 33.94
N TYR E 241 -38.01 9.84 33.34
CA TYR E 241 -36.76 10.07 34.03
C TYR E 241 -35.76 10.73 33.10
N ARG E 242 -34.73 11.29 33.72
CA ARG E 242 -33.51 11.73 33.09
C ARG E 242 -32.34 11.07 33.80
N VAL E 243 -31.19 10.98 33.13
CA VAL E 243 -29.98 10.42 33.73
C VAL E 243 -28.83 11.41 33.70
N THR E 244 -28.60 12.05 32.56
CA THR E 244 -27.50 12.98 32.45
C THR E 244 -27.73 14.17 33.37
N PRO E 245 -26.75 14.59 34.16
CA PRO E 245 -26.96 15.76 35.02
C PRO E 245 -27.29 17.02 34.22
N ARG E 246 -27.91 17.98 34.88
CA ARG E 246 -28.32 19.23 34.24
C ARG E 246 -27.13 20.06 33.73
ZN ZN F . -22.53 -9.80 -23.81
ZN ZN G . -24.58 -10.96 27.88
ZN ZN H . 16.72 -10.81 -30.47
ZN ZN I . 56.03 8.44 -23.45
ZN ZN J . -47.44 15.29 50.99
#